data_8K77
#
_entry.id   8K77
#
_cell.length_a   1.00
_cell.length_b   1.00
_cell.length_c   1.00
_cell.angle_alpha   90.00
_cell.angle_beta   90.00
_cell.angle_gamma   90.00
#
_symmetry.space_group_name_H-M   'P 1'
#
loop_
_entity.id
_entity.type
_entity.pdbx_description
1 polymer 'Synaptic vesicle glycoprotein 2A'
2 polymer 'Botulinum neurotoxin'
3 branched 2-acetamido-2-deoxy-beta-D-glucopyranose-(1-4)-[alpha-L-fucopyranose-(1-6)]2-acetamido-2-deoxy-beta-D-glucopyranose
4 non-polymer 2-acetamido-2-deoxy-beta-D-glucopyranose
5 non-polymer (2S)-2-[(4R)-2-oxidanylidene-4-propyl-pyrrolidin-1-yl]butanamide
#
loop_
_entity_poly.entity_id
_entity_poly.type
_entity_poly.pdbx_seq_one_letter_code
_entity_poly.pdbx_strand_id
1 'polypeptide(L)'
;MDYKDDDDKEEGFRDRAAFIRGAKDIAKEVKKHAAKKVVKGLDRVQDEYSRRSYSRFEEEDDDDDFPAPSDGYYRGEGTQ
DEEEGGASSDATEGHDEDDEIYEGEYQGIPRAESGGKGERMADGAPLAGVRGGLSDGEGPPGGRGEAQRRKEREELAQQY
EAILRECGHGRFQWTLYFVLGLALMADGVEVFVVGFVLPSAEKDMCLSDSNKGMLGLIVYLGMMVGAFLWGGLADRLGRR
QCLLISLSVNSVFAFFSSFVQGYGTFLFCRLLSGVGIGGSIPIVFSYFSEFLAQEKRGEHLSWLCMFWMIGGVYAAAMAW
AIIPHYGWSFQMGSAYQFHSWRVFVLVCAFPSVFAIGALTTQPESPRFFLENGKHDEAWMVLKQVHDTNMRAKGHPERVF
SVTHIKTIHQEDELIEIQSDTGTWYQRWGVRALSLGGQVWGNFLSCFGPEYRRITLMMMGVWFTMSFSYYGLTVWFPDMI
RHLQAVDYASRTKVFPGERVEHVTFNFTLENQIHRGGQYFNDKFIGLRLKSVSFEDSLFEECYFEDVTSSNTFFRNCTFI
NTVFYNTDLFEYKFVNSRLINSTFLHNKEGCPLDVTGTGEGAYMVYFVSFLGTLAVLPGNIVSALLMDKIGRLRMLAGSS
VMSCVSCFFLSFGNSESAMIALLCLFGGVSIASWNALDVLTVELYPSDKRTTAFGFLNALCKLAAVLGISIFTSFVGITK
AAPILFASAALALGSSLALKLPETRGQVLQ
;
A
2 'polypeptide(L)'
;KNIVNTSILSIVYKKDDLIDLSRYGAKINIGDRVYYDSIDKNQIKLINLESSTIEVILKNAIVYNSMYENFSTSFWIKIP
KYFSKINLNNEYTIINCIENNSGWKVSLNYGEIIWTLQDNKQNIQRVVFKYSQMVNISDYINRWIFVTITNNRLTKSKIY
INGRLIDQKPISNLGNIHASNKIMFKLDGCRDPRRYIMIKYFNLFDKELNEKEIKDLYDSQSNSGILKDFWGNYLQYDKP
YYMLNLFDPNKYVDVNNIGIRGYMYLKGPRGSVVTTNIYLNSTLYEGTKFIIKKYASGNEDNIVRNNDRVYINVVVKNKE
YRLATNASQAGVEKILSALEIPDVGNLSQVVVMKSKDDQGIRNKCKMNLQDNNGNDIGFIGFHLYDNIAKLVASNWYNRQ
VGKASRTFGCSWEFIPVDDGWGESSL
;
B
#
loop_
_chem_comp.id
_chem_comp.type
_chem_comp.name
_chem_comp.formula
FUC L-saccharide, alpha linking alpha-L-fucopyranose 'C6 H12 O5'
NAG D-saccharide, beta linking 2-acetamido-2-deoxy-beta-D-glucopyranose 'C8 H15 N O6'
VLX non-polymer (2S)-2-[(4R)-2-oxidanylidene-4-propyl-pyrrolidin-1-yl]butanamide 'C11 H20 N2 O2'
#
# COMPACT_ATOMS: atom_id res chain seq x y z
N GLY A 145 -8.40 64.08 -1.50
CA GLY A 145 -8.91 62.90 -0.84
C GLY A 145 -7.82 62.04 -0.24
N GLU A 146 -6.80 61.73 -1.05
CA GLU A 146 -5.68 60.94 -0.55
C GLU A 146 -4.89 61.68 0.50
N ALA A 147 -4.71 63.00 0.32
CA ALA A 147 -3.95 63.79 1.28
C ALA A 147 -4.61 63.79 2.65
N GLN A 148 -5.94 63.93 2.69
CA GLN A 148 -6.65 63.93 3.97
C GLN A 148 -6.51 62.58 4.67
N ARG A 149 -6.63 61.48 3.91
CA ARG A 149 -6.46 60.16 4.49
C ARG A 149 -5.05 59.98 5.04
N ARG A 150 -4.05 60.42 4.29
CA ARG A 150 -2.67 60.31 4.75
C ARG A 150 -2.44 61.12 6.02
N LYS A 151 -2.97 62.33 6.07
CA LYS A 151 -2.83 63.15 7.27
C LYS A 151 -3.51 62.51 8.47
N GLU A 152 -4.70 61.95 8.26
CA GLU A 152 -5.41 61.29 9.35
C GLU A 152 -4.63 60.09 9.86
N ARG A 153 -4.09 59.28 8.95
CA ARG A 153 -3.32 58.11 9.35
C ARG A 153 -2.05 58.51 10.10
N GLU A 154 -1.34 59.54 9.62
CA GLU A 154 -0.13 60.00 10.29
C GLU A 154 -0.44 60.53 11.68
N GLU A 155 -1.50 61.32 11.81
CA GLU A 155 -1.84 61.87 13.12
C GLU A 155 -2.28 60.78 14.08
N LEU A 156 -3.05 59.80 13.59
CA LEU A 156 -3.44 58.68 14.43
C LEU A 156 -2.21 57.91 14.91
N ALA A 157 -1.26 57.66 14.02
CA ALA A 157 -0.05 56.95 14.41
C ALA A 157 0.74 57.75 15.45
N GLN A 158 0.84 59.06 15.27
CA GLN A 158 1.57 59.89 16.22
C GLN A 158 0.90 59.88 17.60
N GLN A 159 -0.43 60.03 17.63
CA GLN A 159 -1.12 60.00 18.91
C GLN A 159 -0.99 58.63 19.57
N TYR A 160 -1.06 57.55 18.80
CA TYR A 160 -0.89 56.22 19.36
C TYR A 160 0.50 56.04 19.94
N GLU A 161 1.53 56.54 19.25
CA GLU A 161 2.89 56.46 19.78
C GLU A 161 3.02 57.25 21.08
N ALA A 162 2.40 58.44 21.13
CA ALA A 162 2.44 59.23 22.35
C ALA A 162 1.76 58.50 23.51
N ILE A 163 0.60 57.87 23.24
CA ILE A 163 -0.10 57.12 24.28
C ILE A 163 0.77 55.97 24.78
N LEU A 164 1.40 55.24 23.86
CA LEU A 164 2.25 54.12 24.27
C LEU A 164 3.45 54.59 25.07
N ARG A 165 4.05 55.72 24.68
CA ARG A 165 5.15 56.28 25.48
C ARG A 165 4.67 56.65 26.87
N GLU A 166 3.46 57.22 26.98
CA GLU A 166 2.91 57.56 28.28
C GLU A 166 2.71 56.33 29.15
N CYS A 167 2.15 55.26 28.56
CA CYS A 167 1.92 54.04 29.35
C CYS A 167 3.23 53.40 29.79
N GLY A 168 4.22 53.34 28.90
CA GLY A 168 5.51 52.78 29.22
C GLY A 168 5.58 51.28 29.03
N HIS A 169 6.79 50.75 29.16
CA HIS A 169 7.04 49.31 29.10
C HIS A 169 6.96 48.73 30.50
N GLY A 170 6.34 47.56 30.62
CA GLY A 170 6.14 46.96 31.92
C GLY A 170 5.60 45.54 31.91
N ARG A 171 4.69 45.24 32.85
CA ARG A 171 4.25 43.86 33.04
C ARG A 171 3.36 43.39 31.89
N PHE A 172 2.52 44.28 31.36
CA PHE A 172 1.63 43.88 30.27
C PHE A 172 2.42 43.42 29.05
N GLN A 173 3.47 44.16 28.70
CA GLN A 173 4.27 43.80 27.54
C GLN A 173 4.95 42.46 27.73
N TRP A 174 5.48 42.20 28.92
CA TRP A 174 6.14 40.92 29.17
C TRP A 174 5.14 39.76 29.17
N THR A 175 3.95 39.97 29.74
CA THR A 175 2.93 38.92 29.74
C THR A 175 2.52 38.57 28.31
N LEU A 176 2.26 39.59 27.50
CA LEU A 176 1.92 39.34 26.09
C LEU A 176 3.09 38.71 25.35
N TYR A 177 4.33 39.09 25.71
CA TYR A 177 5.50 38.49 25.09
C TYR A 177 5.56 37.00 25.35
N PHE A 178 5.28 36.57 26.59
CA PHE A 178 5.29 35.15 26.89
C PHE A 178 4.14 34.42 26.19
N VAL A 179 2.96 35.03 26.13
CA VAL A 179 1.82 34.38 25.47
C VAL A 179 2.12 34.14 24.00
N LEU A 180 2.56 35.19 23.30
CA LEU A 180 2.89 35.00 21.89
C LEU A 180 4.15 34.17 21.70
N GLY A 181 5.02 34.10 22.70
CA GLY A 181 6.13 33.18 22.64
C GLY A 181 5.68 31.73 22.62
N LEU A 182 4.64 31.42 23.41
CA LEU A 182 4.05 30.09 23.33
C LEU A 182 3.42 29.85 21.96
N ALA A 183 2.73 30.87 21.44
CA ALA A 183 2.13 30.74 20.12
C ALA A 183 3.19 30.47 19.05
N LEU A 184 4.37 31.06 19.18
CA LEU A 184 5.48 30.85 18.26
C LEU A 184 6.19 29.52 18.50
N MET A 185 6.25 29.08 19.76
CA MET A 185 6.83 27.79 20.09
C MET A 185 6.03 26.66 19.46
N ALA A 186 4.71 26.83 19.37
CA ALA A 186 3.89 25.85 18.65
C ALA A 186 4.39 25.69 17.21
N ASP A 187 4.61 26.83 16.53
CA ASP A 187 5.11 26.79 15.16
C ASP A 187 6.49 26.17 15.09
N GLY A 188 7.36 26.50 16.04
CA GLY A 188 8.70 25.94 16.03
C GLY A 188 8.70 24.44 16.21
N VAL A 189 7.79 23.91 17.02
CA VAL A 189 7.66 22.48 17.20
C VAL A 189 7.09 21.82 15.95
N GLU A 190 6.15 22.49 15.28
CA GLU A 190 5.39 21.85 14.20
C GLU A 190 6.28 21.35 13.06
N VAL A 191 7.43 21.99 12.83
CA VAL A 191 8.22 21.66 11.64
C VAL A 191 9.08 20.42 11.80
N PHE A 192 9.12 19.80 12.98
CA PHE A 192 9.98 18.66 13.23
C PHE A 192 9.25 17.33 13.34
N VAL A 193 7.92 17.35 13.44
CA VAL A 193 7.18 16.14 13.80
C VAL A 193 7.29 15.09 12.71
N VAL A 194 7.02 15.48 11.45
CA VAL A 194 7.04 14.52 10.36
C VAL A 194 8.43 13.97 10.16
N GLY A 195 9.45 14.83 10.21
CA GLY A 195 10.81 14.37 10.08
C GLY A 195 11.22 13.41 11.17
N PHE A 196 10.73 13.62 12.40
CA PHE A 196 11.11 12.73 13.49
C PHE A 196 10.34 11.41 13.47
N VAL A 197 9.12 11.40 12.92
CA VAL A 197 8.32 10.18 12.92
C VAL A 197 8.39 9.39 11.62
N LEU A 198 9.01 9.93 10.57
CA LEU A 198 9.09 9.19 9.32
C LEU A 198 9.76 7.82 9.45
N PRO A 199 10.88 7.64 10.17
CA PRO A 199 11.46 6.29 10.26
C PRO A 199 10.52 5.23 10.81
N SER A 200 9.65 5.59 11.75
CA SER A 200 8.71 4.62 12.31
C SER A 200 7.43 4.51 11.50
N ALA A 201 6.90 5.63 11.00
CA ALA A 201 5.70 5.58 10.18
C ALA A 201 5.92 4.86 8.87
N GLU A 202 7.14 4.89 8.33
CA GLU A 202 7.41 4.19 7.08
C GLU A 202 7.24 2.68 7.25
N LYS A 203 7.51 2.15 8.44
CA LYS A 203 7.29 0.73 8.69
C LYS A 203 5.87 0.46 9.20
N ASP A 204 5.31 1.37 9.99
CA ASP A 204 3.98 1.19 10.55
C ASP A 204 2.87 1.45 9.54
N MET A 205 3.21 1.99 8.37
CA MET A 205 2.21 2.34 7.37
C MET A 205 2.59 1.85 5.97
N CYS A 206 3.70 1.13 5.83
CA CYS A 206 4.19 0.64 4.54
C CYS A 206 4.39 1.79 3.55
N LEU A 207 5.12 2.81 3.97
CA LEU A 207 5.38 3.96 3.12
C LEU A 207 6.48 3.63 2.12
N SER A 208 6.22 3.91 0.85
CA SER A 208 7.18 3.72 -0.22
C SER A 208 7.80 5.05 -0.62
N ASP A 209 8.60 5.04 -1.68
CA ASP A 209 9.11 6.28 -2.22
C ASP A 209 7.98 7.05 -2.91
N SER A 210 8.20 8.35 -3.08
CA SER A 210 7.23 9.33 -3.57
C SER A 210 6.08 9.54 -2.59
N ASN A 211 6.12 8.91 -1.41
CA ASN A 211 5.17 9.15 -0.35
C ASN A 211 5.82 9.73 0.90
N LYS A 212 7.08 9.38 1.17
CA LYS A 212 7.79 10.00 2.27
C LYS A 212 8.13 11.45 1.95
N GLY A 213 8.49 11.74 0.70
CA GLY A 213 8.78 13.12 0.31
C GLY A 213 7.55 14.00 0.38
N MET A 214 6.40 13.49 -0.06
CA MET A 214 5.16 14.25 0.07
C MET A 214 4.79 14.45 1.52
N LEU A 215 5.02 13.45 2.37
CA LEU A 215 4.78 13.62 3.79
C LEU A 215 5.67 14.71 4.38
N GLY A 216 6.93 14.77 3.94
CA GLY A 216 7.81 15.83 4.39
C GLY A 216 7.39 17.21 3.94
N LEU A 217 6.95 17.34 2.68
CA LEU A 217 6.61 18.63 2.11
C LEU A 217 5.19 19.10 2.42
N ILE A 218 4.34 18.22 2.96
CA ILE A 218 2.97 18.61 3.20
C ILE A 218 2.87 19.68 4.28
N VAL A 219 3.78 19.66 5.26
CA VAL A 219 3.74 20.70 6.29
C VAL A 219 4.04 22.06 5.68
N TYR A 220 5.01 22.15 4.77
CA TYR A 220 5.33 23.44 4.18
C TYR A 220 4.23 23.89 3.23
N LEU A 221 3.58 22.96 2.51
CA LEU A 221 2.45 23.35 1.69
C LEU A 221 1.30 23.89 2.55
N GLY A 222 1.02 23.21 3.66
CA GLY A 222 -0.02 23.68 4.57
C GLY A 222 0.30 25.04 5.16
N MET A 223 1.56 25.25 5.56
CA MET A 223 1.97 26.55 6.05
C MET A 223 1.82 27.62 4.98
N MET A 224 2.17 27.29 3.73
CA MET A 224 2.04 28.27 2.66
C MET A 224 0.59 28.69 2.47
N VAL A 225 -0.34 27.75 2.54
CA VAL A 225 -1.75 28.10 2.42
C VAL A 225 -2.22 28.90 3.65
N GLY A 226 -1.88 28.41 4.84
CA GLY A 226 -2.43 29.01 6.05
C GLY A 226 -1.89 30.40 6.33
N ALA A 227 -0.62 30.65 6.04
CA ALA A 227 -0.05 31.97 6.25
C ALA A 227 -0.83 33.01 5.45
N PHE A 228 -1.00 32.76 4.15
CA PHE A 228 -1.75 33.69 3.32
C PHE A 228 -3.18 33.83 3.81
N LEU A 229 -3.86 32.72 4.10
CA LEU A 229 -5.26 32.79 4.46
C LEU A 229 -5.47 33.61 5.74
N TRP A 230 -4.72 33.27 6.80
CA TRP A 230 -4.91 33.96 8.07
C TRP A 230 -4.36 35.38 8.05
N GLY A 231 -3.30 35.63 7.28
CA GLY A 231 -2.85 37.00 7.12
C GLY A 231 -3.87 37.87 6.43
N GLY A 232 -4.55 37.32 5.42
CA GLY A 232 -5.62 38.06 4.78
C GLY A 232 -6.80 38.30 5.71
N LEU A 233 -7.16 37.28 6.50
CA LEU A 233 -8.33 37.40 7.36
C LEU A 233 -8.07 38.24 8.61
N ALA A 234 -6.81 38.40 9.04
CA ALA A 234 -6.53 39.07 10.30
C ALA A 234 -6.78 40.56 10.24
N ASP A 235 -6.68 41.18 9.06
CA ASP A 235 -6.93 42.60 8.93
C ASP A 235 -8.41 42.95 8.92
N ARG A 236 -9.29 41.96 8.83
CA ARG A 236 -10.72 42.19 8.84
C ARG A 236 -11.43 41.55 10.02
N LEU A 237 -10.85 40.52 10.64
CA LEU A 237 -11.46 39.87 11.78
C LEU A 237 -10.74 40.16 13.10
N GLY A 238 -9.47 40.53 13.05
CA GLY A 238 -8.70 40.79 14.25
C GLY A 238 -7.49 39.89 14.36
N ARG A 239 -6.43 40.36 15.02
CA ARG A 239 -5.25 39.53 15.21
C ARG A 239 -5.53 38.39 16.18
N ARG A 240 -6.12 38.70 17.33
CA ARG A 240 -6.35 37.69 18.36
C ARG A 240 -7.40 36.68 17.90
N GLN A 241 -8.45 37.15 17.22
CA GLN A 241 -9.51 36.25 16.77
C GLN A 241 -8.96 35.22 15.77
N CYS A 242 -8.25 35.70 14.74
CA CYS A 242 -7.70 34.79 13.75
C CYS A 242 -6.60 33.91 14.34
N LEU A 243 -5.83 34.43 15.30
CA LEU A 243 -4.84 33.59 15.95
C LEU A 243 -5.52 32.44 16.70
N LEU A 244 -6.60 32.73 17.43
CA LEU A 244 -7.33 31.67 18.12
C LEU A 244 -7.88 30.66 17.13
N ILE A 245 -8.48 31.12 16.03
CA ILE A 245 -9.07 30.22 15.06
C ILE A 245 -8.00 29.30 14.46
N SER A 246 -6.90 29.87 14.00
CA SER A 246 -5.87 29.07 13.35
C SER A 246 -5.19 28.12 14.32
N LEU A 247 -4.90 28.58 15.55
CA LEU A 247 -4.28 27.70 16.52
C LEU A 247 -5.21 26.55 16.90
N SER A 248 -6.51 26.82 17.04
CA SER A 248 -7.45 25.76 17.34
C SER A 248 -7.52 24.74 16.20
N VAL A 249 -7.52 25.21 14.95
CA VAL A 249 -7.50 24.28 13.83
C VAL A 249 -6.25 23.41 13.88
N ASN A 250 -5.10 24.02 14.16
CA ASN A 250 -3.86 23.26 14.24
C ASN A 250 -3.94 22.20 15.33
N SER A 251 -4.41 22.58 16.52
CA SER A 251 -4.50 21.62 17.62
C SER A 251 -5.47 20.48 17.28
N VAL A 252 -6.61 20.82 16.69
CA VAL A 252 -7.60 19.80 16.38
C VAL A 252 -7.03 18.79 15.40
N PHE A 253 -6.43 19.27 14.31
CA PHE A 253 -5.96 18.33 13.29
C PHE A 253 -4.68 17.62 13.71
N ALA A 254 -3.85 18.23 14.56
CA ALA A 254 -2.69 17.53 15.08
C ALA A 254 -3.09 16.43 16.06
N PHE A 255 -4.16 16.67 16.84
CA PHE A 255 -4.68 15.61 17.70
C PHE A 255 -5.31 14.50 16.88
N PHE A 256 -6.02 14.86 15.81
CA PHE A 256 -6.64 13.84 14.95
C PHE A 256 -5.59 12.98 14.26
N SER A 257 -4.53 13.60 13.75
CA SER A 257 -3.50 12.85 13.03
C SER A 257 -2.77 11.85 13.92
N SER A 258 -2.83 12.03 15.24
CA SER A 258 -2.13 11.12 16.15
C SER A 258 -2.76 9.75 16.20
N PHE A 259 -4.03 9.61 15.81
CA PHE A 259 -4.71 8.32 15.82
C PHE A 259 -5.03 7.79 14.43
N VAL A 260 -4.77 8.56 13.37
CA VAL A 260 -5.10 8.13 12.02
C VAL A 260 -4.15 7.03 11.58
N GLN A 261 -4.71 5.97 11.00
CA GLN A 261 -3.96 4.79 10.58
C GLN A 261 -3.54 4.84 9.12
N GLY A 262 -4.41 5.35 8.24
CA GLY A 262 -4.13 5.37 6.82
C GLY A 262 -3.11 6.42 6.45
N TYR A 263 -2.79 6.46 5.16
CA TYR A 263 -1.79 7.40 4.66
C TYR A 263 -2.43 8.67 4.09
N GLY A 264 -3.40 8.52 3.20
CA GLY A 264 -4.09 9.68 2.66
C GLY A 264 -4.77 10.49 3.74
N THR A 265 -5.37 9.82 4.72
CA THR A 265 -5.95 10.52 5.85
C THR A 265 -4.88 11.21 6.68
N PHE A 266 -3.72 10.56 6.87
CA PHE A 266 -2.62 11.21 7.56
C PHE A 266 -2.12 12.42 6.80
N LEU A 267 -1.99 12.31 5.48
CA LEU A 267 -1.58 13.44 4.67
C LEU A 267 -2.57 14.60 4.80
N PHE A 268 -3.87 14.30 4.74
CA PHE A 268 -4.88 15.35 4.86
C PHE A 268 -4.84 16.01 6.24
N CYS A 269 -4.73 15.21 7.30
CA CYS A 269 -4.67 15.76 8.65
C CYS A 269 -3.44 16.64 8.84
N ARG A 270 -2.29 16.19 8.34
CA ARG A 270 -1.06 16.98 8.49
C ARG A 270 -1.12 18.24 7.65
N LEU A 271 -1.72 18.18 6.46
CA LEU A 271 -1.89 19.38 5.66
C LEU A 271 -2.77 20.39 6.38
N LEU A 272 -3.86 19.93 6.99
CA LEU A 272 -4.76 20.85 7.68
C LEU A 272 -4.10 21.41 8.94
N SER A 273 -3.28 20.61 9.62
CA SER A 273 -2.53 21.14 10.77
C SER A 273 -1.52 22.19 10.33
N GLY A 274 -0.85 21.97 9.21
CA GLY A 274 0.04 22.99 8.68
C GLY A 274 -0.69 24.25 8.27
N VAL A 275 -1.90 24.09 7.73
CA VAL A 275 -2.73 25.25 7.42
C VAL A 275 -3.09 26.02 8.69
N GLY A 276 -3.40 25.29 9.76
CA GLY A 276 -3.73 25.95 11.02
C GLY A 276 -2.56 26.71 11.60
N ILE A 277 -1.35 26.12 11.57
CA ILE A 277 -0.19 26.76 12.18
C ILE A 277 0.54 27.70 11.22
N GLY A 278 0.11 27.78 9.96
CA GLY A 278 0.82 28.62 9.01
C GLY A 278 0.81 30.09 9.36
N GLY A 279 -0.31 30.58 9.90
CA GLY A 279 -0.48 31.98 10.19
C GLY A 279 -0.05 32.42 11.58
N SER A 280 0.72 31.59 12.29
CA SER A 280 1.16 31.96 13.64
C SER A 280 2.16 33.10 13.61
N ILE A 281 3.16 33.00 12.73
CA ILE A 281 4.25 33.99 12.71
C ILE A 281 3.77 35.38 12.31
N PRO A 282 3.08 35.57 11.17
CA PRO A 282 2.69 36.95 10.80
C PRO A 282 1.78 37.60 11.83
N ILE A 283 0.77 36.86 12.29
CA ILE A 283 -0.18 37.40 13.25
C ILE A 283 0.51 37.70 14.57
N VAL A 284 1.38 36.81 15.03
CA VAL A 284 2.07 37.02 16.30
C VAL A 284 2.95 38.27 16.25
N PHE A 285 3.70 38.42 15.16
CA PHE A 285 4.61 39.55 15.08
C PHE A 285 3.85 40.87 14.93
N SER A 286 2.83 40.91 14.07
CA SER A 286 2.05 42.13 13.93
C SER A 286 1.25 42.44 15.19
N TYR A 287 0.89 41.42 15.97
CA TYR A 287 0.14 41.63 17.19
C TYR A 287 1.04 42.16 18.31
N PHE A 288 2.28 41.68 18.37
CA PHE A 288 3.19 42.18 19.41
C PHE A 288 3.73 43.56 19.06
N SER A 289 3.84 43.90 17.76
CA SER A 289 4.40 45.20 17.41
C SER A 289 3.54 46.35 17.90
N GLU A 290 2.21 46.17 17.92
CA GLU A 290 1.28 47.25 18.19
C GLU A 290 1.11 47.54 19.67
N PHE A 291 2.01 47.05 20.51
CA PHE A 291 2.02 47.37 21.93
C PHE A 291 3.36 47.94 22.38
N LEU A 292 4.23 48.32 21.44
CA LEU A 292 5.59 48.74 21.75
C LEU A 292 5.83 50.16 21.26
N ALA A 293 6.51 50.94 22.08
CA ALA A 293 6.92 52.28 21.69
C ALA A 293 8.15 52.22 20.78
N GLN A 294 8.41 53.33 20.10
CA GLN A 294 9.52 53.39 19.14
C GLN A 294 10.89 53.36 19.81
N GLU A 295 10.97 53.60 21.12
CA GLU A 295 12.28 53.68 21.77
C GLU A 295 13.02 52.35 21.68
N LYS A 296 12.34 51.24 21.97
CA LYS A 296 12.92 49.91 21.87
C LYS A 296 11.88 49.01 21.20
N ARG A 297 11.89 48.98 19.88
CA ARG A 297 11.00 48.12 19.10
C ARG A 297 11.72 46.95 18.46
N GLY A 298 12.88 47.17 17.87
CA GLY A 298 13.63 46.07 17.28
C GLY A 298 14.13 45.09 18.33
N GLU A 299 14.58 45.59 19.47
CA GLU A 299 15.07 44.72 20.54
C GLU A 299 13.94 43.86 21.10
N HIS A 300 12.82 44.47 21.44
CA HIS A 300 11.71 43.74 22.04
C HIS A 300 11.09 42.75 21.05
N LEU A 301 11.09 43.10 19.77
CA LEU A 301 10.55 42.20 18.75
C LEU A 301 11.51 41.04 18.49
N SER A 302 12.82 41.31 18.48
CA SER A 302 13.78 40.25 18.26
C SER A 302 13.93 39.34 19.46
N TRP A 303 13.56 39.80 20.65
CA TRP A 303 13.49 38.90 21.80
C TRP A 303 12.43 37.83 21.62
N LEU A 304 11.49 38.02 20.69
CA LEU A 304 10.38 37.11 20.49
C LEU A 304 10.75 35.88 19.69
N CYS A 305 11.95 35.83 19.11
CA CYS A 305 12.39 34.69 18.31
C CYS A 305 13.13 33.65 19.13
N MET A 306 13.35 33.89 20.43
CA MET A 306 13.91 32.84 21.27
C MET A 306 12.98 31.65 21.37
N PHE A 307 11.67 31.88 21.27
CA PHE A 307 10.71 30.82 21.49
C PHE A 307 10.64 29.84 20.33
N TRP A 308 10.99 30.27 19.11
CA TRP A 308 11.13 29.30 18.02
C TRP A 308 12.24 28.31 18.31
N MET A 309 13.39 28.79 18.80
CA MET A 309 14.48 27.90 19.17
C MET A 309 14.09 27.03 20.37
N ILE A 310 13.37 27.60 21.33
CA ILE A 310 12.90 26.81 22.47
C ILE A 310 11.99 25.68 21.99
N GLY A 311 11.13 25.97 21.02
CA GLY A 311 10.28 24.92 20.46
C GLY A 311 11.06 23.84 19.74
N GLY A 312 12.08 24.23 18.98
CA GLY A 312 12.93 23.22 18.36
C GLY A 312 13.62 22.33 19.37
N VAL A 313 14.15 22.93 20.44
CA VAL A 313 14.79 22.15 21.50
C VAL A 313 13.78 21.21 22.15
N TYR A 314 12.57 21.69 22.39
CA TYR A 314 11.53 20.86 22.99
C TYR A 314 11.18 19.68 22.10
N ALA A 315 11.05 19.90 20.80
CA ALA A 315 10.76 18.80 19.89
C ALA A 315 11.88 17.77 19.88
N ALA A 316 13.14 18.24 19.85
CA ALA A 316 14.26 17.30 19.87
C ALA A 316 14.28 16.48 21.14
N ALA A 317 14.06 17.14 22.29
CA ALA A 317 14.07 16.42 23.57
C ALA A 317 12.94 15.41 23.65
N MET A 318 11.74 15.79 23.18
CA MET A 318 10.62 14.86 23.21
C MET A 318 10.87 13.66 22.30
N ALA A 319 11.43 13.90 21.12
CA ALA A 319 11.75 12.79 20.23
C ALA A 319 12.77 11.86 20.87
N TRP A 320 13.78 12.43 21.53
CA TRP A 320 14.79 11.60 22.19
C TRP A 320 14.19 10.81 23.35
N ALA A 321 13.26 11.38 24.09
CA ALA A 321 12.74 10.72 25.29
C ALA A 321 11.50 9.86 25.04
N ILE A 322 10.94 9.85 23.83
CA ILE A 322 9.71 9.14 23.55
C ILE A 322 9.90 8.09 22.45
N ILE A 323 10.43 8.51 21.30
CA ILE A 323 10.50 7.61 20.15
C ILE A 323 11.34 6.36 20.41
N PRO A 324 12.51 6.42 21.05
CA PRO A 324 13.34 5.20 21.15
C PRO A 324 12.68 4.03 21.85
N HIS A 325 11.61 4.25 22.61
CA HIS A 325 10.91 3.16 23.29
C HIS A 325 10.00 2.45 22.27
N TYR A 326 10.62 1.60 21.45
CA TYR A 326 9.86 0.86 20.45
C TYR A 326 9.02 -0.26 21.05
N GLY A 327 9.28 -0.65 22.31
CA GLY A 327 8.54 -1.75 22.91
C GLY A 327 7.09 -1.42 23.17
N TRP A 328 6.75 -0.13 23.26
CA TRP A 328 5.38 0.26 23.53
C TRP A 328 4.47 -0.15 22.38
N SER A 329 3.50 -1.01 22.68
CA SER A 329 2.59 -1.58 21.70
C SER A 329 1.16 -1.57 22.22
N PHE A 330 0.71 -0.40 22.69
CA PHE A 330 -0.65 -0.28 23.19
C PHE A 330 -1.66 -0.70 22.13
N GLN A 331 -2.65 -1.50 22.52
CA GLN A 331 -3.61 -2.09 21.61
C GLN A 331 -5.00 -1.54 21.92
N MET A 332 -5.56 -0.79 20.97
CA MET A 332 -6.95 -0.35 21.03
C MET A 332 -7.56 -0.67 19.67
N GLY A 333 -8.34 -1.74 19.59
CA GLY A 333 -8.81 -2.25 18.33
C GLY A 333 -7.83 -3.24 17.74
N SER A 334 -8.33 -4.40 17.30
CA SER A 334 -7.44 -5.45 16.81
C SER A 334 -6.69 -5.00 15.56
N ALA A 335 -7.36 -4.31 14.65
CA ALA A 335 -6.76 -3.92 13.38
C ALA A 335 -5.87 -2.69 13.49
N TYR A 336 -5.85 -2.01 14.63
CA TYR A 336 -5.08 -0.79 14.81
C TYR A 336 -4.00 -0.99 15.87
N GLN A 337 -2.90 -0.27 15.71
CA GLN A 337 -1.76 -0.36 16.62
C GLN A 337 -1.33 1.04 17.03
N PHE A 338 -1.01 1.20 18.32
CA PHE A 338 -0.62 2.48 18.90
C PHE A 338 0.83 2.39 19.32
N HIS A 339 1.71 3.07 18.58
CA HIS A 339 3.14 3.04 18.84
C HIS A 339 3.60 4.31 19.54
N SER A 340 4.91 4.43 19.74
CA SER A 340 5.47 5.54 20.51
C SER A 340 5.51 6.84 19.71
N TRP A 341 5.64 6.77 18.39
CA TRP A 341 5.67 8.00 17.61
C TRP A 341 4.32 8.73 17.65
N ARG A 342 3.23 8.00 17.85
CA ARG A 342 1.94 8.66 18.05
C ARG A 342 1.93 9.42 19.37
N VAL A 343 2.55 8.86 20.42
CA VAL A 343 2.71 9.59 21.67
C VAL A 343 3.55 10.83 21.47
N PHE A 344 4.60 10.71 20.66
CA PHE A 344 5.41 11.88 20.33
C PHE A 344 4.58 12.94 19.63
N VAL A 345 3.71 12.53 18.71
CA VAL A 345 2.85 13.48 18.02
C VAL A 345 1.93 14.19 19.00
N LEU A 346 1.38 13.44 19.96
CA LEU A 346 0.52 14.07 20.98
C LEU A 346 1.29 15.10 21.79
N VAL A 347 2.47 14.75 22.27
CA VAL A 347 3.24 15.68 23.09
C VAL A 347 3.69 16.88 22.26
N CYS A 348 3.87 16.70 20.95
CA CYS A 348 4.19 17.82 20.07
C CYS A 348 2.98 18.69 19.75
N ALA A 349 1.76 18.14 19.80
CA ALA A 349 0.58 18.96 19.67
C ALA A 349 0.22 19.66 20.97
N PHE A 350 0.83 19.28 22.08
CA PHE A 350 0.56 19.98 23.33
C PHE A 350 0.87 21.46 23.27
N PRO A 351 2.04 21.91 22.88
CA PRO A 351 2.24 23.41 22.90
C PRO A 351 1.26 24.34 22.15
N SER A 352 0.58 23.86 21.12
CA SER A 352 -0.46 24.69 20.50
C SER A 352 -1.67 24.87 21.41
N VAL A 353 -2.07 23.81 22.11
CA VAL A 353 -3.16 23.91 23.07
C VAL A 353 -2.79 24.84 24.20
N PHE A 354 -1.56 24.73 24.69
CA PHE A 354 -1.13 25.64 25.75
C PHE A 354 -1.13 27.09 25.27
N ALA A 355 -0.75 27.31 24.01
CA ALA A 355 -0.77 28.67 23.46
C ALA A 355 -2.18 29.22 23.37
N ILE A 356 -3.14 28.40 22.93
CA ILE A 356 -4.53 28.86 22.89
C ILE A 356 -5.00 29.23 24.30
N GLY A 357 -4.68 28.36 25.27
CA GLY A 357 -5.09 28.64 26.64
C GLY A 357 -4.49 29.93 27.18
N ALA A 358 -3.24 30.21 26.84
CA ALA A 358 -2.62 31.46 27.26
C ALA A 358 -3.21 32.64 26.52
N LEU A 359 -3.66 32.43 25.28
CA LEU A 359 -4.15 33.53 24.47
C LEU A 359 -5.59 33.91 24.82
N THR A 360 -6.34 33.03 25.48
CA THR A 360 -7.70 33.42 25.85
C THR A 360 -7.75 34.68 26.72
N THR A 361 -6.70 34.96 27.50
CA THR A 361 -6.75 36.01 28.50
C THR A 361 -6.08 37.30 28.05
N GLN A 362 -5.82 37.47 26.75
CA GLN A 362 -5.20 38.70 26.27
C GLN A 362 -6.19 39.53 25.47
N PRO A 363 -6.11 40.85 25.55
CA PRO A 363 -7.04 41.71 24.81
C PRO A 363 -6.57 41.97 23.39
N GLU A 364 -7.52 42.35 22.55
CA GLU A 364 -7.21 42.69 21.16
C GLU A 364 -6.31 43.92 21.12
N SER A 365 -5.51 44.00 20.06
CA SER A 365 -4.63 45.15 19.89
C SER A 365 -5.46 46.40 19.61
N PRO A 366 -5.19 47.51 20.29
CA PRO A 366 -6.00 48.73 20.06
C PRO A 366 -5.92 49.26 18.64
N ARG A 367 -4.80 49.03 17.95
CA ARG A 367 -4.64 49.59 16.62
C ARG A 367 -5.66 49.04 15.63
N PHE A 368 -5.94 47.74 15.70
CA PHE A 368 -6.96 47.17 14.84
C PHE A 368 -8.33 47.79 15.12
N PHE A 369 -8.63 48.02 16.41
CA PHE A 369 -9.88 48.68 16.76
C PHE A 369 -9.95 50.07 16.15
N LEU A 370 -8.85 50.83 16.24
CA LEU A 370 -8.84 52.20 15.75
C LEU A 370 -8.98 52.26 14.24
N GLU A 371 -8.32 51.35 13.51
CA GLU A 371 -8.41 51.37 12.06
C GLU A 371 -9.83 51.06 11.59
N ASN A 372 -10.56 50.23 12.33
CA ASN A 372 -11.86 49.74 11.91
C ASN A 372 -13.03 50.57 12.42
N GLY A 373 -12.76 51.74 13.02
CA GLY A 373 -13.83 52.62 13.44
C GLY A 373 -14.39 52.36 14.82
N LYS A 374 -13.71 51.55 15.63
CA LYS A 374 -14.18 51.21 16.97
C LYS A 374 -13.24 51.86 17.98
N HIS A 375 -13.70 52.91 18.65
CA HIS A 375 -12.85 53.70 19.54
C HIS A 375 -13.06 53.39 21.02
N ASP A 376 -14.21 52.87 21.42
CA ASP A 376 -14.44 52.59 22.82
C ASP A 376 -13.55 51.44 23.30
N GLU A 377 -13.52 50.35 22.55
CA GLU A 377 -12.72 49.20 22.96
C GLU A 377 -11.23 49.47 22.86
N ALA A 378 -10.81 50.26 21.88
CA ALA A 378 -9.40 50.64 21.81
C ALA A 378 -8.99 51.43 23.05
N TRP A 379 -9.83 52.37 23.47
CA TRP A 379 -9.55 53.14 24.66
C TRP A 379 -9.55 52.24 25.90
N MET A 380 -10.47 51.28 25.96
CA MET A 380 -10.49 50.34 27.08
C MET A 380 -9.22 49.51 27.14
N VAL A 381 -8.75 49.03 25.98
CA VAL A 381 -7.53 48.23 25.95
C VAL A 381 -6.33 49.05 26.38
N LEU A 382 -6.25 50.30 25.89
CA LEU A 382 -5.14 51.17 26.29
C LEU A 382 -5.19 51.46 27.80
N LYS A 383 -6.39 51.66 28.34
CA LYS A 383 -6.52 51.88 29.77
C LYS A 383 -6.07 50.65 30.55
N GLN A 384 -6.45 49.47 30.07
CA GLN A 384 -6.02 48.23 30.74
C GLN A 384 -4.51 48.10 30.73
N VAL A 385 -3.88 48.41 29.59
CA VAL A 385 -2.43 48.41 29.50
C VAL A 385 -1.83 49.36 30.52
N HIS A 386 -2.37 50.58 30.61
CA HIS A 386 -1.83 51.58 31.52
C HIS A 386 -1.96 51.13 32.96
N ASP A 387 -3.14 50.63 33.34
CA ASP A 387 -3.34 50.19 34.72
C ASP A 387 -2.43 49.04 35.08
N THR A 388 -2.30 48.05 34.19
CA THR A 388 -1.43 46.92 34.47
C THR A 388 0.02 47.36 34.62
N ASN A 389 0.50 48.19 33.69
CA ASN A 389 1.89 48.63 33.74
C ASN A 389 2.16 49.42 35.02
N MET A 390 1.29 50.38 35.34
CA MET A 390 1.56 51.24 36.48
C MET A 390 1.35 50.50 37.81
N ARG A 391 0.47 49.51 37.85
CA ARG A 391 0.33 48.70 39.05
C ARG A 391 1.56 47.84 39.26
N ALA A 392 2.13 47.30 38.18
CA ALA A 392 3.39 46.56 38.31
C ALA A 392 4.52 47.47 38.77
N LYS A 393 4.57 48.69 38.24
CA LYS A 393 5.66 49.60 38.59
C LYS A 393 5.67 49.92 40.08
N GLY A 394 4.49 50.14 40.66
CA GLY A 394 4.41 50.45 42.07
C GLY A 394 3.68 51.75 42.34
N HIS A 395 3.04 52.30 41.31
CA HIS A 395 2.30 53.56 41.41
C HIS A 395 0.87 53.34 40.89
N PRO A 396 0.03 52.62 41.66
CA PRO A 396 -1.36 52.36 41.25
C PRO A 396 -2.33 53.48 41.66
N GLU A 397 -1.95 54.72 41.36
CA GLU A 397 -2.77 55.87 41.71
C GLU A 397 -2.98 56.87 40.59
N ARG A 398 -2.11 56.91 39.58
CA ARG A 398 -2.28 57.86 38.50
C ARG A 398 -3.42 57.42 37.58
N VAL A 399 -3.92 58.37 36.80
CA VAL A 399 -5.11 58.18 35.98
C VAL A 399 -4.72 58.24 34.51
N PHE A 400 -5.37 57.41 33.69
CA PHE A 400 -5.17 57.44 32.25
C PHE A 400 -5.65 58.77 31.69
N SER A 401 -4.71 59.65 31.34
CA SER A 401 -5.03 61.02 30.95
C SER A 401 -5.66 61.11 29.57
N VAL A 402 -5.58 60.06 28.77
CA VAL A 402 -6.13 60.11 27.41
C VAL A 402 -7.64 59.98 27.50
N THR A 403 -8.35 60.93 26.88
CA THR A 403 -9.81 60.94 26.87
C THR A 403 -10.40 60.58 25.52
N HIS A 404 -9.89 61.16 24.44
CA HIS A 404 -10.40 60.91 23.10
C HIS A 404 -9.25 60.54 22.19
N ILE A 405 -9.48 59.56 21.31
CA ILE A 405 -8.51 59.14 20.31
C ILE A 405 -9.17 59.24 18.95
N LYS A 406 -8.54 59.97 18.02
CA LYS A 406 -9.09 60.11 16.69
C LYS A 406 -9.11 58.76 15.99
N THR A 407 -10.17 58.52 15.23
CA THR A 407 -10.44 57.22 14.64
C THR A 407 -10.62 57.36 13.14
N ILE A 408 -10.11 56.38 12.39
CA ILE A 408 -10.27 56.38 10.94
C ILE A 408 -11.75 56.26 10.61
N HIS A 409 -12.27 57.24 9.87
CA HIS A 409 -13.69 57.25 9.55
C HIS A 409 -14.05 56.08 8.64
N GLN A 410 -15.17 55.45 8.94
CA GLN A 410 -15.66 54.30 8.17
C GLN A 410 -16.79 54.75 7.25
N GLU A 411 -16.67 54.41 5.97
CA GLU A 411 -17.68 54.78 4.99
C GLU A 411 -18.56 53.58 4.63
N GLN A 426 -27.92 32.58 2.02
CA GLN A 426 -27.69 33.74 1.18
C GLN A 426 -26.88 34.81 1.92
N ARG A 427 -27.24 35.04 3.18
CA ARG A 427 -26.49 36.02 3.99
C ARG A 427 -25.06 35.56 4.22
N TRP A 428 -24.87 34.27 4.48
CA TRP A 428 -23.52 33.74 4.66
C TRP A 428 -22.71 33.90 3.37
N GLY A 429 -23.33 33.62 2.22
CA GLY A 429 -22.64 33.81 0.95
C GLY A 429 -22.28 35.26 0.69
N VAL A 430 -23.19 36.18 1.03
CA VAL A 430 -22.91 37.61 0.86
C VAL A 430 -21.75 38.03 1.75
N ARG A 431 -21.75 37.58 3.01
CA ARG A 431 -20.66 37.92 3.91
C ARG A 431 -19.33 37.35 3.43
N ALA A 432 -19.33 36.11 2.95
CA ALA A 432 -18.10 35.51 2.44
C ALA A 432 -17.60 36.25 1.22
N LEU A 433 -18.50 36.64 0.32
CA LEU A 433 -18.10 37.40 -0.86
C LEU A 433 -17.53 38.76 -0.46
N SER A 434 -18.14 39.42 0.52
CA SER A 434 -17.63 40.71 0.98
C SER A 434 -16.25 40.56 1.60
N LEU A 435 -16.05 39.53 2.43
CA LEU A 435 -14.74 39.31 3.03
C LEU A 435 -13.69 39.03 1.98
N GLY A 436 -14.03 38.19 0.99
CA GLY A 436 -13.09 37.92 -0.08
C GLY A 436 -12.74 39.16 -0.88
N GLY A 437 -13.75 39.98 -1.18
CA GLY A 437 -13.50 41.21 -1.91
C GLY A 437 -12.61 42.17 -1.14
N GLN A 438 -12.86 42.31 0.16
CA GLN A 438 -12.03 43.20 0.97
C GLN A 438 -10.61 42.69 1.10
N VAL A 439 -10.43 41.37 1.26
CA VAL A 439 -9.09 40.81 1.34
C VAL A 439 -8.36 40.99 0.02
N TRP A 440 -9.05 40.78 -1.11
CA TRP A 440 -8.43 41.00 -2.41
C TRP A 440 -8.06 42.47 -2.60
N GLY A 441 -8.91 43.37 -2.10
CA GLY A 441 -8.58 44.78 -2.16
C GLY A 441 -7.34 45.13 -1.35
N ASN A 442 -7.24 44.57 -0.14
CA ASN A 442 -6.04 44.80 0.67
C ASN A 442 -4.80 44.26 -0.03
N PHE A 443 -4.91 43.06 -0.61
CA PHE A 443 -3.77 42.47 -1.31
C PHE A 443 -3.36 43.30 -2.51
N LEU A 444 -4.32 43.81 -3.26
CA LEU A 444 -4.00 44.64 -4.42
C LEU A 444 -3.39 45.97 -4.00
N SER A 445 -3.94 46.59 -2.95
CA SER A 445 -3.38 47.83 -2.44
C SER A 445 -1.97 47.63 -1.89
N CYS A 446 -1.66 46.43 -1.40
CA CYS A 446 -0.29 46.12 -1.04
C CYS A 446 0.63 46.28 -2.24
N PHE A 447 0.12 46.02 -3.45
CA PHE A 447 0.83 46.32 -4.69
C PHE A 447 0.40 47.67 -5.27
N GLY A 448 0.44 48.71 -4.43
CA GLY A 448 0.01 50.03 -4.85
C GLY A 448 1.17 50.91 -5.27
N PRO A 449 0.85 52.10 -5.80
CA PRO A 449 1.93 53.05 -6.12
C PRO A 449 2.82 53.40 -4.94
N GLU A 450 2.27 53.50 -3.73
CA GLU A 450 3.11 53.80 -2.57
C GLU A 450 3.99 52.61 -2.21
N TYR A 451 3.42 51.40 -2.22
CA TYR A 451 4.16 50.19 -1.91
C TYR A 451 4.20 49.31 -3.15
N ARG A 452 5.14 49.60 -4.03
CA ARG A 452 5.43 48.69 -5.14
C ARG A 452 6.90 48.34 -5.22
N ARG A 453 7.78 49.30 -4.94
CA ARG A 453 9.20 48.96 -4.78
C ARG A 453 9.42 48.14 -3.52
N ILE A 454 8.83 48.59 -2.40
CA ILE A 454 9.07 47.95 -1.11
C ILE A 454 8.61 46.50 -1.15
N THR A 455 7.42 46.26 -1.71
CA THR A 455 6.88 44.90 -1.75
C THR A 455 7.77 43.98 -2.58
N LEU A 456 8.26 44.46 -3.73
CA LEU A 456 9.09 43.62 -4.58
C LEU A 456 10.43 43.30 -3.92
N MET A 457 11.06 44.30 -3.28
CA MET A 457 12.32 44.02 -2.59
C MET A 457 12.11 43.06 -1.43
N MET A 458 11.02 43.24 -0.67
CA MET A 458 10.72 42.32 0.42
C MET A 458 10.48 40.91 -0.10
N MET A 459 9.76 40.79 -1.22
CA MET A 459 9.54 39.49 -1.83
C MET A 459 10.85 38.82 -2.20
N GLY A 460 11.75 39.58 -2.82
CA GLY A 460 13.04 39.02 -3.20
C GLY A 460 13.84 38.55 -2.00
N VAL A 461 13.92 39.38 -0.97
CA VAL A 461 14.71 39.03 0.21
C VAL A 461 14.14 37.78 0.88
N TRP A 462 12.82 37.75 1.08
CA TRP A 462 12.19 36.60 1.72
C TRP A 462 12.44 35.33 0.92
N PHE A 463 12.21 35.39 -0.39
CA PHE A 463 12.38 34.21 -1.23
C PHE A 463 13.82 33.70 -1.19
N THR A 464 14.78 34.60 -1.40
CA THR A 464 16.17 34.16 -1.47
C THR A 464 16.64 33.56 -0.14
N MET A 465 16.36 34.25 0.97
CA MET A 465 16.86 33.75 2.24
C MET A 465 16.16 32.46 2.65
N SER A 466 14.84 32.34 2.41
CA SER A 466 14.16 31.09 2.73
C SER A 466 14.69 29.94 1.89
N PHE A 467 14.85 30.17 0.58
CA PHE A 467 15.39 29.14 -0.31
C PHE A 467 16.73 28.64 0.21
N SER A 468 17.67 29.55 0.46
CA SER A 468 19.00 29.13 0.90
C SER A 468 18.96 28.41 2.24
N TYR A 469 18.28 28.98 3.23
CA TYR A 469 18.30 28.39 4.55
C TYR A 469 17.68 27.00 4.56
N TYR A 470 16.49 26.87 3.96
CA TYR A 470 15.82 25.57 4.02
C TYR A 470 16.56 24.54 3.20
N GLY A 471 17.10 24.91 2.04
CA GLY A 471 17.92 23.98 1.29
C GLY A 471 19.09 23.48 2.08
N LEU A 472 19.82 24.39 2.74
CA LEU A 472 20.97 23.97 3.53
C LEU A 472 20.57 23.10 4.72
N THR A 473 19.50 23.48 5.42
CA THR A 473 19.14 22.78 6.65
C THR A 473 18.58 21.39 6.34
N VAL A 474 18.09 21.19 5.12
CA VAL A 474 17.71 19.83 4.73
C VAL A 474 18.89 19.06 4.14
N TRP A 475 19.81 19.76 3.47
CA TRP A 475 20.96 19.13 2.84
C TRP A 475 21.96 18.60 3.87
N PHE A 476 22.11 19.27 5.01
CA PHE A 476 23.09 18.81 6.01
C PHE A 476 22.79 17.41 6.52
N PRO A 477 21.59 17.10 7.03
CA PRO A 477 21.34 15.71 7.47
C PRO A 477 21.44 14.70 6.35
N ASP A 478 21.03 15.07 5.14
CA ASP A 478 21.15 14.15 4.02
C ASP A 478 22.61 13.85 3.71
N MET A 479 23.47 14.85 3.76
CA MET A 479 24.89 14.61 3.54
C MET A 479 25.49 13.75 4.65
N ILE A 480 25.09 13.97 5.89
CA ILE A 480 25.58 13.11 6.98
C ILE A 480 25.16 11.67 6.74
N ARG A 481 23.89 11.47 6.35
CA ARG A 481 23.40 10.12 6.08
C ARG A 481 24.15 9.47 4.93
N HIS A 482 24.41 10.24 3.87
CA HIS A 482 25.13 9.71 2.72
C HIS A 482 26.55 9.30 3.12
N LEU A 483 27.22 10.11 3.94
CA LEU A 483 28.56 9.75 4.40
C LEU A 483 28.54 8.47 5.23
N GLN A 484 27.55 8.35 6.12
CA GLN A 484 27.45 7.13 6.92
C GLN A 484 27.19 5.91 6.04
N ALA A 485 26.33 6.05 5.04
CA ALA A 485 26.06 4.94 4.12
C ALA A 485 27.30 4.57 3.32
N VAL A 486 28.10 5.57 2.92
CA VAL A 486 29.33 5.29 2.19
C VAL A 486 30.31 4.51 3.06
N ASP A 487 30.44 4.91 4.33
CA ASP A 487 31.29 4.14 5.25
C ASP A 487 30.79 2.71 5.41
N TYR A 488 29.47 2.55 5.57
CA TYR A 488 28.89 1.22 5.74
C TYR A 488 29.17 0.35 4.52
N ALA A 489 28.97 0.88 3.32
CA ALA A 489 29.27 0.12 2.12
C ALA A 489 30.76 -0.13 1.94
N SER A 490 31.61 0.72 2.51
CA SER A 490 33.04 0.48 2.46
C SER A 490 33.46 -0.63 3.41
N ARG A 491 32.67 -0.90 4.44
CA ARG A 491 33.00 -1.97 5.38
C ARG A 491 32.44 -3.33 4.95
N THR A 492 31.84 -3.44 3.77
CA THR A 492 31.22 -4.68 3.34
C THR A 492 32.25 -5.79 3.11
N LYS A 493 31.92 -6.99 3.58
CA LYS A 493 32.76 -8.17 3.39
C LYS A 493 32.28 -8.97 2.19
N VAL A 494 33.23 -9.68 1.55
CA VAL A 494 32.96 -10.43 0.34
C VAL A 494 33.51 -11.84 0.49
N PHE A 495 32.67 -12.85 0.22
CA PHE A 495 33.07 -14.25 0.22
C PHE A 495 32.80 -14.84 -1.16
N PRO A 496 33.78 -14.88 -2.05
CA PRO A 496 33.58 -15.46 -3.39
C PRO A 496 33.71 -16.97 -3.36
N GLY A 497 32.58 -17.67 -3.52
CA GLY A 497 32.59 -19.11 -3.67
C GLY A 497 32.60 -19.87 -2.37
N GLU A 498 31.65 -20.78 -2.19
CA GLU A 498 31.67 -21.70 -1.07
C GLU A 498 30.76 -22.89 -1.39
N ARG A 499 31.29 -24.09 -1.20
CA ARG A 499 30.56 -25.34 -1.43
C ARG A 499 30.17 -25.90 -0.07
N VAL A 500 28.86 -26.04 0.16
CA VAL A 500 28.33 -26.42 1.46
C VAL A 500 27.46 -27.67 1.30
N GLU A 501 27.69 -28.66 2.16
CA GLU A 501 26.99 -29.93 2.17
C GLU A 501 25.92 -29.91 3.27
N HIS A 502 25.35 -31.08 3.56
CA HIS A 502 24.26 -31.22 4.53
C HIS A 502 24.66 -30.69 5.90
N VAL A 503 24.08 -29.57 6.31
CA VAL A 503 24.28 -29.04 7.67
C VAL A 503 23.25 -27.96 7.94
N THR A 504 22.75 -27.92 9.17
CA THR A 504 21.82 -26.89 9.60
C THR A 504 22.53 -25.55 9.78
N PHE A 505 21.87 -24.47 9.36
CA PHE A 505 22.49 -23.14 9.32
C PHE A 505 21.84 -22.20 10.31
N ASN A 506 22.67 -21.63 11.18
CA ASN A 506 22.32 -20.65 12.20
C ASN A 506 23.30 -19.50 12.10
N PHE A 507 22.79 -18.28 11.96
CA PHE A 507 23.66 -17.09 12.07
C PHE A 507 22.79 -15.83 12.01
N THR A 508 23.44 -14.71 12.30
CA THR A 508 22.89 -13.38 12.06
C THR A 508 23.99 -12.57 11.38
N LEU A 509 23.84 -12.34 10.08
CA LEU A 509 24.89 -11.73 9.27
C LEU A 509 24.56 -10.27 8.99
N GLU A 510 25.56 -9.41 9.07
CA GLU A 510 25.42 -7.98 8.78
C GLU A 510 26.43 -7.57 7.73
N ASN A 511 25.95 -6.97 6.64
CA ASN A 511 26.79 -6.37 5.62
C ASN A 511 27.78 -7.37 5.04
N GLN A 512 27.24 -8.37 4.35
CA GLN A 512 28.05 -9.39 3.69
C GLN A 512 27.54 -9.62 2.28
N ILE A 513 28.44 -10.04 1.40
CA ILE A 513 28.09 -10.46 0.06
C ILE A 513 28.73 -11.82 -0.18
N HIS A 514 27.90 -12.84 -0.37
CA HIS A 514 28.37 -14.19 -0.71
C HIS A 514 28.16 -14.41 -2.19
N ARG A 515 29.24 -14.69 -2.91
CA ARG A 515 29.19 -14.86 -4.36
C ARG A 515 29.55 -16.28 -4.74
N GLY A 516 28.88 -16.80 -5.76
CA GLY A 516 29.22 -18.11 -6.30
C GLY A 516 29.04 -19.25 -5.34
N GLY A 517 28.01 -19.20 -4.49
CA GLY A 517 27.78 -20.27 -3.55
C GLY A 517 27.11 -21.48 -4.19
N GLN A 518 27.33 -22.65 -3.57
CA GLN A 518 26.69 -23.88 -3.99
C GLN A 518 26.35 -24.66 -2.72
N TYR A 519 25.09 -24.59 -2.31
CA TYR A 519 24.61 -25.24 -1.09
C TYR A 519 23.69 -26.39 -1.48
N PHE A 520 24.00 -27.59 -1.00
CA PHE A 520 23.21 -28.77 -1.31
C PHE A 520 22.60 -29.32 -0.03
N ASN A 521 21.28 -29.39 0.02
CA ASN A 521 20.52 -29.91 1.16
C ASN A 521 20.94 -29.22 2.45
N ASP A 522 20.75 -27.91 2.45
CA ASP A 522 21.07 -27.08 3.60
C ASP A 522 19.78 -26.47 4.15
N LYS A 523 19.55 -26.66 5.44
CA LYS A 523 18.35 -26.14 6.09
C LYS A 523 18.73 -24.92 6.94
N PHE A 524 18.24 -23.75 6.53
CA PHE A 524 18.57 -22.49 7.19
C PHE A 524 17.47 -22.19 8.19
N ILE A 525 17.76 -22.30 9.49
CA ILE A 525 16.73 -22.18 10.52
C ILE A 525 17.02 -20.94 11.37
N GLY A 526 16.00 -20.09 11.51
CA GLY A 526 16.04 -18.98 12.43
C GLY A 526 17.22 -18.04 12.24
N LEU A 527 17.25 -17.33 11.12
CA LEU A 527 18.36 -16.43 10.80
C LEU A 527 17.83 -15.05 10.45
N ARG A 528 18.55 -14.04 10.95
CA ARG A 528 18.29 -12.65 10.65
C ARG A 528 19.38 -12.15 9.71
N LEU A 529 18.97 -11.55 8.60
CA LEU A 529 19.89 -11.04 7.60
C LEU A 529 19.74 -9.53 7.49
N LYS A 530 20.85 -8.81 7.61
CA LYS A 530 20.87 -7.36 7.50
C LYS A 530 21.85 -6.96 6.40
N SER A 531 21.32 -6.49 5.27
CA SER A 531 22.13 -6.07 4.13
C SER A 531 23.07 -7.18 3.67
N VAL A 532 22.54 -8.39 3.57
CA VAL A 532 23.28 -9.56 3.13
C VAL A 532 22.81 -9.92 1.73
N SER A 533 23.74 -10.02 0.79
CA SER A 533 23.41 -10.28 -0.61
C SER A 533 24.05 -11.58 -1.07
N PHE A 534 23.24 -12.47 -1.63
CA PHE A 534 23.73 -13.69 -2.26
C PHE A 534 23.68 -13.51 -3.77
N GLU A 535 24.81 -13.73 -4.43
CA GLU A 535 24.92 -13.55 -5.87
C GLU A 535 25.50 -14.81 -6.50
N ASP A 536 25.01 -15.14 -7.69
CA ASP A 536 25.54 -16.25 -8.49
C ASP A 536 25.48 -17.58 -7.73
N SER A 537 24.48 -17.74 -6.87
CA SER A 537 24.38 -18.91 -6.02
C SER A 537 23.41 -19.93 -6.60
N LEU A 538 23.58 -21.18 -6.19
CA LEU A 538 22.69 -22.27 -6.57
C LEU A 538 22.21 -22.96 -5.31
N PHE A 539 20.89 -23.06 -5.15
CA PHE A 539 20.27 -23.69 -4.00
C PHE A 539 19.50 -24.91 -4.49
N GLU A 540 19.82 -26.09 -3.95
CA GLU A 540 19.16 -27.32 -4.34
C GLU A 540 18.72 -28.08 -3.09
N GLU A 541 17.44 -28.43 -3.04
CA GLU A 541 16.85 -29.19 -1.93
C GLU A 541 17.12 -28.50 -0.59
N CYS A 542 17.06 -27.17 -0.60
CA CYS A 542 17.27 -26.42 0.62
C CYS A 542 15.96 -26.19 1.34
N TYR A 543 16.04 -25.62 2.54
CA TYR A 543 14.88 -25.42 3.39
C TYR A 543 15.11 -24.18 4.22
N PHE A 544 14.26 -23.17 4.04
CA PHE A 544 14.37 -21.91 4.76
C PHE A 544 13.21 -21.83 5.75
N GLU A 545 13.53 -21.72 7.04
CA GLU A 545 12.53 -21.64 8.09
C GLU A 545 12.89 -20.50 9.04
N ASP A 546 11.87 -19.71 9.41
CA ASP A 546 12.03 -18.61 10.37
C ASP A 546 13.13 -17.64 9.94
N VAL A 547 13.17 -17.37 8.65
CA VAL A 547 14.14 -16.45 8.05
C VAL A 547 13.53 -15.06 8.02
N THR A 548 14.22 -14.09 8.63
CA THR A 548 13.80 -12.69 8.54
C THR A 548 14.97 -11.88 8.00
N SER A 549 14.69 -11.03 7.01
CA SER A 549 15.74 -10.35 6.28
C SER A 549 15.30 -8.94 5.92
N SER A 550 16.25 -8.01 5.96
CA SER A 550 16.04 -6.64 5.54
C SER A 550 17.21 -6.21 4.66
N ASN A 551 16.90 -5.59 3.52
CA ASN A 551 17.90 -5.19 2.53
C ASN A 551 18.70 -6.39 2.04
N THR A 552 18.03 -7.53 1.90
CA THR A 552 18.64 -8.77 1.45
C THR A 552 18.07 -9.15 0.10
N PHE A 553 18.95 -9.51 -0.84
CA PHE A 553 18.53 -9.82 -2.20
C PHE A 553 19.22 -11.09 -2.69
N PHE A 554 18.49 -11.85 -3.50
CA PHE A 554 19.00 -13.06 -4.14
C PHE A 554 19.00 -12.80 -5.64
N ARG A 555 20.15 -12.41 -6.18
CA ARG A 555 20.27 -12.07 -7.59
C ARG A 555 21.12 -13.10 -8.32
N ASN A 556 20.74 -13.43 -9.55
CA ASN A 556 21.41 -14.43 -10.36
C ASN A 556 21.39 -15.81 -9.71
N CYS A 557 20.43 -16.04 -8.81
CA CYS A 557 20.36 -17.28 -8.06
C CYS A 557 19.40 -18.26 -8.72
N THR A 558 19.69 -19.55 -8.56
CA THR A 558 18.83 -20.62 -9.05
C THR A 558 18.41 -21.49 -7.87
N PHE A 559 17.11 -21.68 -7.71
CA PHE A 559 16.55 -22.50 -6.64
C PHE A 559 15.86 -23.71 -7.26
N ILE A 560 16.19 -24.90 -6.74
CA ILE A 560 15.60 -26.14 -7.24
C ILE A 560 15.10 -26.94 -6.04
N ASN A 561 13.81 -27.28 -6.06
CA ASN A 561 13.20 -28.14 -5.05
C ASN A 561 13.40 -27.59 -3.64
N THR A 562 13.28 -26.28 -3.49
CA THR A 562 13.48 -25.61 -2.22
C THR A 562 12.14 -25.14 -1.66
N VAL A 563 12.04 -25.11 -0.34
CA VAL A 563 10.81 -24.75 0.36
C VAL A 563 11.09 -23.56 1.27
N PHE A 564 10.26 -22.54 1.17
CA PHE A 564 10.39 -21.33 1.98
C PHE A 564 9.23 -21.31 2.98
N TYR A 565 9.49 -21.84 4.17
CA TYR A 565 8.48 -21.98 5.21
C TYR A 565 8.68 -20.89 6.26
N ASN A 566 7.64 -20.10 6.50
CA ASN A 566 7.67 -19.04 7.51
C ASN A 566 8.84 -18.09 7.27
N THR A 567 8.94 -17.59 6.04
CA THR A 567 9.96 -16.63 5.66
C THR A 567 9.30 -15.38 5.10
N ASP A 568 9.97 -14.24 5.27
CA ASP A 568 9.52 -12.99 4.70
C ASP A 568 10.23 -12.68 3.39
N LEU A 569 10.76 -13.69 2.72
CA LEU A 569 11.47 -13.53 1.45
C LEU A 569 10.42 -13.38 0.35
N PHE A 570 9.98 -12.15 0.14
CA PHE A 570 8.92 -11.87 -0.84
C PHE A 570 9.50 -11.88 -2.25
N GLU A 571 8.62 -11.68 -3.24
CA GLU A 571 9.01 -11.81 -4.64
C GLU A 571 9.95 -10.69 -5.08
N TYR A 572 9.98 -9.56 -4.38
CA TYR A 572 10.86 -8.47 -4.79
C TYR A 572 12.31 -8.68 -4.37
N LYS A 573 12.59 -9.66 -3.52
CA LYS A 573 13.95 -9.96 -3.12
C LYS A 573 14.65 -10.93 -4.07
N PHE A 574 13.93 -11.50 -5.03
CA PHE A 574 14.50 -12.42 -6.02
C PHE A 574 14.55 -11.68 -7.34
N VAL A 575 15.65 -10.96 -7.58
CA VAL A 575 15.82 -10.17 -8.79
C VAL A 575 16.65 -10.97 -9.78
N ASN A 576 16.12 -11.15 -10.98
CA ASN A 576 16.76 -11.95 -12.03
C ASN A 576 17.12 -13.34 -11.52
N SER A 577 16.22 -13.93 -10.75
CA SER A 577 16.41 -15.24 -10.16
C SER A 577 15.48 -16.24 -10.82
N ARG A 578 15.94 -17.49 -10.89
CA ARG A 578 15.15 -18.59 -11.44
C ARG A 578 14.85 -19.57 -10.33
N LEU A 579 13.57 -19.82 -10.09
CA LEU A 579 13.12 -20.82 -9.15
C LEU A 579 12.50 -21.97 -9.93
N ILE A 580 12.89 -23.20 -9.58
CA ILE A 580 12.34 -24.39 -10.22
C ILE A 580 11.73 -25.26 -9.13
N ASN A 581 10.43 -25.54 -9.25
CA ASN A 581 9.75 -26.47 -8.36
C ASN A 581 9.86 -26.04 -6.90
N SER A 582 9.78 -24.74 -6.65
CA SER A 582 9.90 -24.19 -5.30
C SER A 582 8.54 -23.84 -4.74
N THR A 583 8.41 -23.96 -3.42
CA THR A 583 7.14 -23.78 -2.73
C THR A 583 7.29 -22.73 -1.65
N PHE A 584 6.37 -21.77 -1.61
CA PHE A 584 6.31 -20.75 -0.57
C PHE A 584 5.14 -21.05 0.35
N LEU A 585 5.42 -21.28 1.62
CA LEU A 585 4.42 -21.69 2.59
C LEU A 585 4.44 -20.76 3.79
N HIS A 586 3.27 -20.27 4.19
CA HIS A 586 3.09 -19.48 5.39
C HIS A 586 4.02 -18.25 5.40
N ASN A 587 3.90 -17.45 4.35
CA ASN A 587 4.72 -16.26 4.23
C ASN A 587 4.39 -15.28 5.36
N LYS A 588 5.43 -14.70 5.94
CA LYS A 588 5.26 -13.73 7.01
C LYS A 588 4.61 -12.46 6.48
N GLU A 589 3.85 -11.79 7.34
CA GLU A 589 3.19 -10.55 6.95
C GLU A 589 4.23 -9.44 6.81
N GLY A 590 4.15 -8.69 5.72
CA GLY A 590 5.11 -7.63 5.47
C GLY A 590 4.67 -6.76 4.33
N CYS A 591 5.45 -5.71 4.10
CA CYS A 591 5.14 -4.75 3.04
C CYS A 591 5.44 -5.37 1.67
N PRO A 592 4.67 -5.00 0.65
CA PRO A 592 4.95 -5.52 -0.70
C PRO A 592 6.29 -5.07 -1.28
N LEU A 593 6.85 -3.97 -0.79
CA LEU A 593 8.12 -3.45 -1.31
C LEU A 593 9.05 -3.12 -0.14
N ASP A 594 10.30 -2.81 -0.49
CA ASP A 594 11.31 -2.51 0.51
C ASP A 594 10.99 -1.21 1.23
N VAL A 595 11.28 -1.18 2.54
CA VAL A 595 11.03 0.00 3.36
C VAL A 595 12.27 0.47 4.11
N THR A 596 13.38 -0.27 4.05
CA THR A 596 14.63 0.08 4.73
C THR A 596 14.41 0.04 6.25
N GLY A 597 15.49 0.07 7.03
CA GLY A 597 15.37 0.03 8.47
C GLY A 597 16.29 0.99 9.21
N THR A 598 15.76 1.66 10.22
CA THR A 598 16.51 2.62 11.03
C THR A 598 16.57 2.12 12.46
N GLY A 599 17.78 2.05 13.02
CA GLY A 599 17.96 1.53 14.36
C GLY A 599 18.49 2.55 15.35
N GLU A 600 19.67 2.27 15.93
CA GLU A 600 20.23 3.18 16.93
C GLU A 600 20.65 4.51 16.32
N GLY A 601 20.92 4.53 15.02
CA GLY A 601 21.39 5.73 14.35
C GLY A 601 20.42 6.90 14.41
N ALA A 602 19.17 6.66 14.81
CA ALA A 602 18.24 7.76 15.01
C ALA A 602 18.69 8.66 16.17
N TYR A 603 19.24 8.05 17.23
CA TYR A 603 19.66 8.81 18.41
C TYR A 603 20.49 10.03 18.04
N MET A 604 21.64 9.80 17.40
CA MET A 604 22.52 10.91 17.03
C MET A 604 21.77 11.96 16.23
N VAL A 605 20.82 11.52 15.38
CA VAL A 605 20.06 12.46 14.56
C VAL A 605 19.40 13.51 15.45
N TYR A 606 18.69 13.07 16.49
CA TYR A 606 18.10 14.01 17.41
C TYR A 606 19.15 14.96 17.95
N PHE A 607 20.26 14.40 18.42
CA PHE A 607 21.35 15.23 18.93
C PHE A 607 21.73 16.29 17.91
N VAL A 608 21.90 15.88 16.66
CA VAL A 608 22.30 16.82 15.62
C VAL A 608 21.32 17.98 15.56
N SER A 609 20.02 17.66 15.49
CA SER A 609 19.02 18.72 15.44
C SER A 609 19.15 19.63 16.65
N PHE A 610 19.28 19.02 17.84
CA PHE A 610 19.46 19.81 19.05
C PHE A 610 20.61 20.78 18.88
N LEU A 611 21.76 20.28 18.41
CA LEU A 611 22.92 21.14 18.24
C LEU A 611 22.58 22.31 17.32
N GLY A 612 21.92 22.02 16.20
CA GLY A 612 21.56 23.09 15.29
C GLY A 612 20.75 24.17 15.98
N THR A 613 19.75 23.75 16.76
CA THR A 613 18.92 24.72 17.44
C THR A 613 19.75 25.52 18.45
N LEU A 614 20.64 24.84 19.18
CA LEU A 614 21.48 25.55 20.13
C LEU A 614 22.36 26.57 19.41
N ALA A 615 22.71 26.30 18.16
CA ALA A 615 23.54 27.24 17.41
C ALA A 615 22.85 28.58 17.27
N VAL A 616 21.51 28.59 17.29
CA VAL A 616 20.78 29.84 17.14
C VAL A 616 20.92 30.70 18.39
N LEU A 617 21.18 30.08 19.54
CA LEU A 617 21.15 30.79 20.82
C LEU A 617 22.08 32.00 20.90
N PRO A 618 23.37 31.91 20.52
CA PRO A 618 24.23 33.10 20.64
C PRO A 618 23.80 34.26 19.75
N GLY A 619 23.68 34.01 18.44
CA GLY A 619 23.43 35.09 17.51
C GLY A 619 22.17 35.88 17.84
N ASN A 620 21.07 35.18 18.12
CA ASN A 620 19.86 35.81 18.59
C ASN A 620 20.14 36.86 19.65
N ILE A 621 20.85 36.45 20.71
CA ILE A 621 21.13 37.35 21.83
C ILE A 621 21.81 38.62 21.33
N VAL A 622 22.82 38.45 20.47
CA VAL A 622 23.54 39.61 19.94
C VAL A 622 22.56 40.54 19.24
N SER A 623 21.70 40.00 18.38
CA SER A 623 20.69 40.82 17.72
C SER A 623 19.80 41.50 18.74
N ALA A 624 19.37 40.76 19.76
CA ALA A 624 18.51 41.34 20.78
C ALA A 624 19.23 42.42 21.56
N LEU A 625 20.56 42.39 21.59
CA LEU A 625 21.32 43.43 22.26
C LEU A 625 21.82 44.50 21.31
N LEU A 626 21.54 44.39 20.02
CA LEU A 626 22.12 45.32 19.05
C LEU A 626 21.13 45.75 17.97
N MET A 627 19.86 45.44 18.10
CA MET A 627 18.90 45.78 17.05
C MET A 627 18.77 47.29 16.89
N ASP A 628 18.67 48.01 18.01
CA ASP A 628 18.44 49.45 17.98
C ASP A 628 19.72 50.26 17.97
N LYS A 629 20.89 49.61 18.06
CA LYS A 629 22.15 50.33 18.07
C LYS A 629 22.70 50.57 16.67
N ILE A 630 22.60 49.58 15.78
CA ILE A 630 23.12 49.70 14.43
C ILE A 630 21.98 49.98 13.46
N GLY A 631 21.01 49.07 13.41
CA GLY A 631 19.90 49.21 12.50
C GLY A 631 19.45 47.89 11.93
N ARG A 632 18.27 47.85 11.33
CA ARG A 632 17.78 46.61 10.75
C ARG A 632 18.48 46.30 9.43
N LEU A 633 18.70 47.32 8.60
CA LEU A 633 19.36 47.11 7.31
C LEU A 633 20.80 46.62 7.49
N ARG A 634 21.54 47.26 8.39
CA ARG A 634 22.94 46.89 8.58
C ARG A 634 23.04 45.48 9.15
N MET A 635 22.21 45.14 10.12
CA MET A 635 22.23 43.79 10.67
C MET A 635 21.85 42.75 9.62
N LEU A 636 20.82 43.06 8.82
CA LEU A 636 20.39 42.14 7.77
C LEU A 636 21.51 41.88 6.78
N ALA A 637 22.13 42.95 6.26
CA ALA A 637 23.20 42.77 5.28
C ALA A 637 24.42 42.11 5.89
N GLY A 638 24.80 42.50 7.10
CA GLY A 638 25.98 41.97 7.74
C GLY A 638 25.82 40.54 8.22
N SER A 639 24.60 40.05 8.33
CA SER A 639 24.40 38.63 8.59
C SER A 639 24.22 37.82 7.32
N SER A 640 23.61 38.40 6.28
CA SER A 640 23.55 37.70 5.00
C SER A 640 24.94 37.51 4.40
N VAL A 641 25.82 38.48 4.58
CA VAL A 641 27.19 38.34 4.09
C VAL A 641 27.89 37.17 4.77
N MET A 642 27.74 37.07 6.10
CA MET A 642 28.38 35.95 6.80
C MET A 642 27.74 34.62 6.41
N SER A 643 26.44 34.62 6.11
CA SER A 643 25.81 33.40 5.60
C SER A 643 26.41 32.98 4.26
N CYS A 644 26.64 33.95 3.37
CA CYS A 644 27.29 33.63 2.09
C CYS A 644 28.72 33.12 2.30
N VAL A 645 29.44 33.73 3.25
CA VAL A 645 30.80 33.28 3.55
C VAL A 645 30.79 31.84 4.04
N SER A 646 29.85 31.51 4.92
CA SER A 646 29.74 30.12 5.38
C SER A 646 29.36 29.18 4.25
N CYS A 647 28.47 29.61 3.36
CA CYS A 647 28.13 28.77 2.20
C CYS A 647 29.35 28.48 1.35
N PHE A 648 30.23 29.47 1.17
CA PHE A 648 31.46 29.21 0.45
C PHE A 648 32.39 28.29 1.24
N PHE A 649 32.46 28.48 2.55
CA PHE A 649 33.28 27.66 3.44
C PHE A 649 32.79 26.22 3.56
N LEU A 650 31.58 25.97 3.05
CA LEU A 650 30.98 24.64 3.12
C LEU A 650 31.91 23.55 2.57
N SER A 651 32.70 23.87 1.55
CA SER A 651 33.47 22.83 0.86
C SER A 651 34.55 22.23 1.76
N PHE A 652 34.92 22.91 2.84
CA PHE A 652 36.00 22.41 3.68
C PHE A 652 35.49 21.43 4.73
N GLY A 653 34.78 20.40 4.29
CA GLY A 653 34.31 19.38 5.21
C GLY A 653 33.77 18.15 4.53
N ASN A 654 34.23 16.97 4.95
CA ASN A 654 33.79 15.71 4.34
C ASN A 654 33.44 14.64 5.36
N SER A 655 33.60 14.89 6.65
CA SER A 655 33.26 13.92 7.69
C SER A 655 31.99 14.36 8.41
N GLU A 656 31.50 13.48 9.29
CA GLU A 656 30.29 13.81 10.04
C GLU A 656 30.51 14.99 10.98
N SER A 657 31.67 15.02 11.67
CA SER A 657 31.93 16.12 12.60
C SER A 657 32.04 17.45 11.86
N ALA A 658 32.67 17.44 10.68
CA ALA A 658 32.75 18.66 9.88
C ALA A 658 31.37 19.14 9.47
N MET A 659 30.48 18.20 9.08
CA MET A 659 29.13 18.59 8.71
C MET A 659 28.36 19.16 9.89
N ILE A 660 28.55 18.57 11.08
CA ILE A 660 27.88 19.08 12.27
C ILE A 660 28.37 20.49 12.59
N ALA A 661 29.68 20.71 12.53
CA ALA A 661 30.22 22.04 12.81
C ALA A 661 29.73 23.06 11.79
N LEU A 662 29.69 22.68 10.52
CA LEU A 662 29.22 23.60 9.48
C LEU A 662 27.74 23.93 9.66
N LEU A 663 26.93 22.93 10.00
CA LEU A 663 25.51 23.18 10.25
C LEU A 663 25.33 24.13 11.43
N CYS A 664 26.08 23.91 12.51
CA CYS A 664 25.98 24.81 13.66
C CYS A 664 26.40 26.22 13.28
N LEU A 665 27.49 26.37 12.51
CA LEU A 665 27.95 27.69 12.13
C LEU A 665 26.90 28.42 11.28
N PHE A 666 26.34 27.73 10.29
CA PHE A 666 25.35 28.36 9.44
C PHE A 666 24.09 28.74 10.21
N GLY A 667 23.63 27.86 11.10
CA GLY A 667 22.47 28.18 11.90
C GLY A 667 22.70 29.33 12.84
N GLY A 668 23.91 29.44 13.40
CA GLY A 668 24.22 30.55 14.28
C GLY A 668 24.46 31.85 13.56
N VAL A 669 24.78 31.80 12.27
CA VAL A 669 25.03 33.02 11.51
C VAL A 669 23.75 33.59 10.91
N SER A 670 22.85 32.74 10.38
CA SER A 670 21.70 33.27 9.67
C SER A 670 20.59 33.82 10.57
N ILE A 671 20.67 33.57 11.88
CA ILE A 671 19.58 33.95 12.78
C ILE A 671 19.44 35.46 12.89
N ALA A 672 20.55 36.19 12.92
CA ALA A 672 20.49 37.64 13.00
C ALA A 672 19.82 38.23 11.77
N SER A 673 20.14 37.69 10.59
CA SER A 673 19.49 38.15 9.37
C SER A 673 18.00 37.88 9.41
N TRP A 674 17.60 36.72 9.92
CA TRP A 674 16.17 36.42 10.00
C TRP A 674 15.44 37.34 10.98
N ASN A 675 16.06 37.64 12.12
CA ASN A 675 15.48 38.57 13.07
C ASN A 675 15.30 39.96 12.44
N ALA A 676 16.33 40.44 11.73
CA ALA A 676 16.23 41.73 11.08
C ALA A 676 15.14 41.74 10.03
N LEU A 677 15.02 40.65 9.27
CA LEU A 677 13.96 40.58 8.27
C LEU A 677 12.58 40.65 8.91
N ASP A 678 12.39 39.93 10.01
CA ASP A 678 11.10 39.96 10.69
C ASP A 678 10.75 41.36 11.17
N VAL A 679 11.70 42.02 11.84
CA VAL A 679 11.43 43.37 12.35
C VAL A 679 11.16 44.33 11.19
N LEU A 680 11.95 44.23 10.11
CA LEU A 680 11.79 45.13 8.99
C LEU A 680 10.43 44.95 8.31
N THR A 681 9.98 43.71 8.14
CA THR A 681 8.69 43.51 7.49
C THR A 681 7.54 43.88 8.42
N VAL A 682 7.78 43.87 9.74
CA VAL A 682 6.79 44.39 10.67
C VAL A 682 6.67 45.91 10.54
N GLU A 683 7.81 46.60 10.48
CA GLU A 683 7.83 48.05 10.55
C GLU A 683 7.58 48.75 9.22
N LEU A 684 7.58 48.04 8.11
CA LEU A 684 7.52 48.68 6.80
C LEU A 684 6.11 48.79 6.24
N TYR A 685 5.10 48.33 6.97
CA TYR A 685 3.75 48.31 6.42
C TYR A 685 2.78 48.98 7.39
N PRO A 686 1.74 49.62 6.86
CA PRO A 686 0.75 50.26 7.72
C PRO A 686 -0.09 49.24 8.47
N SER A 687 -0.71 49.71 9.55
CA SER A 687 -1.44 48.81 10.43
C SER A 687 -2.69 48.23 9.79
N ASP A 688 -3.14 48.77 8.66
CA ASP A 688 -4.28 48.20 7.95
C ASP A 688 -3.87 47.21 6.86
N LYS A 689 -2.58 46.96 6.70
CA LYS A 689 -2.10 45.98 5.73
C LYS A 689 -0.97 45.13 6.28
N ARG A 690 -0.67 45.24 7.57
CA ARG A 690 0.51 44.59 8.13
C ARG A 690 0.42 43.07 8.03
N THR A 691 -0.68 42.49 8.50
CA THR A 691 -0.78 41.04 8.52
C THR A 691 -1.00 40.46 7.14
N THR A 692 -1.71 41.18 6.27
CA THR A 692 -1.87 40.69 4.90
C THR A 692 -0.53 40.59 4.19
N ALA A 693 0.27 41.67 4.26
CA ALA A 693 1.59 41.65 3.63
C ALA A 693 2.49 40.61 4.27
N PHE A 694 2.51 40.55 5.60
CA PHE A 694 3.36 39.57 6.28
C PHE A 694 2.96 38.14 5.92
N GLY A 695 1.66 37.87 5.84
CA GLY A 695 1.21 36.54 5.47
C GLY A 695 1.55 36.19 4.03
N PHE A 696 1.43 37.16 3.12
CA PHE A 696 1.83 36.90 1.74
C PHE A 696 3.32 36.62 1.64
N LEU A 697 4.14 37.39 2.36
CA LEU A 697 5.58 37.14 2.33
C LEU A 697 5.92 35.80 2.99
N ASN A 698 5.16 35.39 4.00
CA ASN A 698 5.40 34.08 4.60
C ASN A 698 4.98 32.95 3.67
N ALA A 699 3.91 33.14 2.91
CA ALA A 699 3.55 32.16 1.89
C ALA A 699 4.65 32.04 0.84
N LEU A 700 5.21 33.18 0.43
CA LEU A 700 6.35 33.14 -0.50
C LEU A 700 7.54 32.43 0.13
N CYS A 701 7.77 32.66 1.42
CA CYS A 701 8.85 31.98 2.11
C CYS A 701 8.65 30.47 2.12
N LYS A 702 7.43 30.02 2.36
CA LYS A 702 7.16 28.58 2.37
C LYS A 702 7.29 27.97 0.98
N LEU A 703 6.85 28.68 -0.05
CA LEU A 703 7.04 28.17 -1.41
C LEU A 703 8.52 28.07 -1.76
N ALA A 704 9.31 29.09 -1.40
CA ALA A 704 10.74 29.03 -1.61
C ALA A 704 11.37 27.90 -0.81
N ALA A 705 10.86 27.64 0.39
CA ALA A 705 11.35 26.52 1.18
C ALA A 705 11.10 25.20 0.47
N VAL A 706 9.92 25.05 -0.12
CA VAL A 706 9.61 23.82 -0.86
C VAL A 706 10.57 23.64 -2.02
N LEU A 707 10.76 24.71 -2.81
CA LEU A 707 11.65 24.60 -3.96
C LEU A 707 13.08 24.28 -3.54
N GLY A 708 13.57 24.97 -2.51
CA GLY A 708 14.92 24.72 -2.03
C GLY A 708 15.10 23.33 -1.47
N ILE A 709 14.12 22.84 -0.71
CA ILE A 709 14.19 21.48 -0.18
C ILE A 709 14.27 20.47 -1.30
N SER A 710 13.41 20.63 -2.31
CA SER A 710 13.41 19.68 -3.43
C SER A 710 14.74 19.68 -4.16
N ILE A 711 15.25 20.88 -4.50
CA ILE A 711 16.51 20.94 -5.26
C ILE A 711 17.66 20.39 -4.44
N PHE A 712 17.79 20.82 -3.18
CA PHE A 712 18.94 20.41 -2.39
C PHE A 712 18.88 18.95 -1.98
N THR A 713 17.68 18.35 -1.92
CA THR A 713 17.62 16.90 -1.80
C THR A 713 18.04 16.22 -3.09
N SER A 714 17.64 16.78 -4.24
CA SER A 714 18.09 16.21 -5.51
C SER A 714 19.59 16.37 -5.74
N PHE A 715 20.27 17.20 -4.95
CA PHE A 715 21.70 17.42 -5.13
C PHE A 715 22.57 16.68 -4.13
N VAL A 716 22.02 15.74 -3.36
CA VAL A 716 22.81 15.00 -2.38
C VAL A 716 23.51 13.84 -3.07
N GLY A 717 24.80 13.68 -2.78
CA GLY A 717 25.57 12.57 -3.29
C GLY A 717 26.10 12.74 -4.70
N ILE A 718 25.84 13.89 -5.34
CA ILE A 718 26.32 14.13 -6.70
C ILE A 718 27.58 14.97 -6.63
N THR A 719 27.48 16.17 -6.09
CA THR A 719 28.63 17.05 -5.93
C THR A 719 28.34 18.06 -4.84
N LYS A 720 29.40 18.67 -4.32
CA LYS A 720 29.29 19.71 -3.31
C LYS A 720 29.40 21.11 -3.90
N ALA A 721 29.43 21.24 -5.23
CA ALA A 721 29.55 22.56 -5.85
C ALA A 721 28.20 23.19 -6.15
N ALA A 722 27.23 22.40 -6.59
CA ALA A 722 25.91 22.96 -6.92
C ALA A 722 25.20 23.56 -5.71
N PRO A 723 25.08 22.88 -4.57
CA PRO A 723 24.44 23.55 -3.42
C PRO A 723 25.17 24.80 -2.96
N ILE A 724 26.50 24.77 -2.96
CA ILE A 724 27.27 25.94 -2.55
C ILE A 724 26.99 27.10 -3.49
N LEU A 725 27.02 26.85 -4.79
CA LEU A 725 26.77 27.91 -5.77
C LEU A 725 25.37 28.47 -5.61
N PHE A 726 24.37 27.59 -5.46
CA PHE A 726 22.99 28.06 -5.36
C PHE A 726 22.79 28.90 -4.10
N ALA A 727 23.26 28.41 -2.95
CA ALA A 727 23.08 29.13 -1.70
C ALA A 727 23.81 30.46 -1.73
N SER A 728 25.05 30.47 -2.23
CA SER A 728 25.81 31.71 -2.27
C SER A 728 25.16 32.73 -3.20
N ALA A 729 24.71 32.30 -4.38
CA ALA A 729 24.07 33.21 -5.32
C ALA A 729 22.79 33.78 -4.73
N ALA A 730 21.95 32.93 -4.16
CA ALA A 730 20.68 33.40 -3.60
C ALA A 730 20.92 34.36 -2.45
N LEU A 731 21.86 34.05 -1.56
CA LEU A 731 22.12 34.94 -0.43
C LEU A 731 22.73 36.25 -0.89
N ALA A 732 23.60 36.23 -1.89
CA ALA A 732 24.15 37.47 -2.41
C ALA A 732 23.06 38.35 -3.02
N LEU A 733 22.17 37.74 -3.80
CA LEU A 733 21.07 38.51 -4.38
C LEU A 733 20.15 39.06 -3.29
N GLY A 734 19.86 38.26 -2.26
CA GLY A 734 19.03 38.74 -1.18
C GLY A 734 19.65 39.90 -0.42
N SER A 735 20.95 39.82 -0.14
CA SER A 735 21.63 40.91 0.53
C SER A 735 21.64 42.16 -0.33
N SER A 736 21.88 42.01 -1.64
CA SER A 736 21.89 43.16 -2.54
C SER A 736 20.52 43.83 -2.56
N LEU A 737 19.45 43.03 -2.65
CA LEU A 737 18.11 43.60 -2.63
C LEU A 737 17.79 44.25 -1.29
N ALA A 738 18.28 43.67 -0.20
CA ALA A 738 18.02 44.21 1.12
C ALA A 738 18.71 45.54 1.35
N LEU A 739 19.91 45.72 0.80
CA LEU A 739 20.66 46.95 1.07
C LEU A 739 19.99 48.19 0.49
N LYS A 740 19.02 48.02 -0.42
CA LYS A 740 18.34 49.16 -1.03
C LYS A 740 17.02 49.49 -0.34
N LEU A 741 16.66 48.80 0.73
CA LEU A 741 15.41 49.05 1.43
C LEU A 741 15.47 50.35 2.22
N PRO A 742 14.33 50.94 2.55
CA PRO A 742 14.32 52.12 3.40
C PRO A 742 14.62 51.79 4.85
N GLU A 743 15.07 52.80 5.58
CA GLU A 743 15.41 52.66 6.99
C GLU A 743 14.19 52.99 7.84
N THR A 744 13.90 52.13 8.81
CA THR A 744 12.74 52.28 9.67
C THR A 744 13.08 52.53 11.13
N ARG A 745 14.36 52.58 11.48
CA ARG A 745 14.73 52.84 12.87
C ARG A 745 14.38 54.27 13.25
N GLY A 746 13.96 54.46 14.50
CA GLY A 746 13.61 55.79 14.98
C GLY A 746 12.42 56.41 14.28
N GLN A 747 11.38 55.62 14.04
CA GLN A 747 10.17 56.11 13.41
C GLN A 747 8.95 55.58 14.16
N VAL A 748 7.86 56.33 14.08
CA VAL A 748 6.61 55.85 14.66
C VAL A 748 6.08 54.71 13.80
N LEU A 749 5.40 53.77 14.46
CA LEU A 749 4.82 52.64 13.72
C LEU A 749 3.69 53.16 12.87
N GLN A 750 3.98 53.46 11.62
CA GLN A 750 3.04 54.17 10.76
C GLN A 750 2.46 53.22 9.72
N THR B 6 -26.71 -41.83 -34.91
CA THR B 6 -26.04 -40.66 -35.48
C THR B 6 -24.55 -40.67 -35.17
N SER B 7 -24.13 -41.60 -34.33
CA SER B 7 -22.73 -41.76 -33.98
C SER B 7 -22.11 -42.89 -34.79
N ILE B 8 -20.96 -42.62 -35.40
CA ILE B 8 -20.27 -43.60 -36.23
C ILE B 8 -19.20 -44.35 -35.44
N LEU B 9 -18.49 -43.65 -34.55
CA LEU B 9 -17.45 -44.25 -33.73
C LEU B 9 -17.68 -43.85 -32.28
N SER B 10 -17.66 -44.84 -31.39
CA SER B 10 -17.85 -44.60 -29.95
C SER B 10 -17.08 -45.68 -29.20
N ILE B 11 -15.89 -45.31 -28.74
CA ILE B 11 -15.05 -46.23 -27.98
C ILE B 11 -15.55 -46.25 -26.54
N VAL B 12 -15.91 -47.44 -26.05
CA VAL B 12 -16.40 -47.62 -24.69
C VAL B 12 -15.74 -48.86 -24.11
N TYR B 13 -15.33 -48.75 -22.85
CA TYR B 13 -14.66 -49.86 -22.19
C TYR B 13 -15.63 -51.02 -21.98
N LYS B 14 -15.07 -52.22 -21.96
CA LYS B 14 -15.82 -53.46 -21.79
C LYS B 14 -14.92 -54.43 -21.04
N LYS B 15 -15.20 -55.72 -21.14
CA LYS B 15 -14.41 -56.70 -20.40
C LYS B 15 -12.99 -56.77 -20.96
N ASP B 16 -12.09 -55.98 -20.38
CA ASP B 16 -10.67 -55.96 -20.75
C ASP B 16 -10.45 -55.64 -22.22
N ASP B 17 -11.24 -54.71 -22.75
CA ASP B 17 -11.08 -54.28 -24.14
C ASP B 17 -11.85 -52.98 -24.34
N LEU B 18 -11.66 -52.39 -25.51
CA LEU B 18 -12.39 -51.19 -25.93
C LEU B 18 -13.24 -51.56 -27.15
N ILE B 19 -14.54 -51.29 -27.08
CA ILE B 19 -15.51 -51.74 -28.06
C ILE B 19 -16.21 -50.54 -28.66
N ASP B 20 -16.44 -50.60 -29.97
CA ASP B 20 -17.20 -49.55 -30.66
C ASP B 20 -18.70 -49.81 -30.46
N LEU B 21 -19.40 -48.81 -29.91
CA LEU B 21 -20.83 -48.98 -29.65
C LEU B 21 -21.65 -48.92 -30.93
N SER B 22 -21.18 -48.19 -31.93
CA SER B 22 -21.93 -48.04 -33.17
C SER B 22 -21.97 -49.34 -33.95
N ARG B 23 -22.92 -49.42 -34.88
CA ARG B 23 -23.12 -50.64 -35.67
C ARG B 23 -22.19 -50.68 -36.88
N TYR B 24 -20.89 -50.51 -36.66
CA TYR B 24 -19.92 -50.54 -37.74
C TYR B 24 -18.76 -51.49 -37.51
N GLY B 25 -18.53 -51.96 -36.29
CA GLY B 25 -17.49 -52.94 -36.03
C GLY B 25 -16.10 -52.46 -36.32
N ALA B 26 -15.76 -51.25 -35.86
CA ALA B 26 -14.42 -50.73 -36.06
C ALA B 26 -13.41 -51.59 -35.32
N LYS B 27 -12.34 -51.96 -36.02
CA LYS B 27 -11.32 -52.81 -35.42
C LYS B 27 -10.38 -51.98 -34.55
N ILE B 28 -10.29 -52.32 -33.27
CA ILE B 28 -9.51 -51.54 -32.31
C ILE B 28 -8.38 -52.42 -31.79
N ASN B 29 -7.14 -51.92 -31.90
CA ASN B 29 -5.99 -52.61 -31.34
C ASN B 29 -5.26 -51.67 -30.40
N ILE B 30 -4.75 -52.24 -29.31
CA ILE B 30 -4.21 -51.48 -28.18
C ILE B 30 -2.80 -51.98 -27.89
N GLY B 31 -1.90 -51.05 -27.61
CA GLY B 31 -0.53 -51.40 -27.27
C GLY B 31 -0.43 -52.03 -25.90
N ASP B 32 0.78 -52.50 -25.59
CA ASP B 32 1.02 -53.21 -24.34
C ASP B 32 1.27 -52.28 -23.15
N ARG B 33 1.47 -50.98 -23.39
CA ARG B 33 1.77 -50.04 -22.31
C ARG B 33 0.64 -49.04 -22.09
N VAL B 34 -0.57 -49.38 -22.54
CA VAL B 34 -1.74 -48.52 -22.34
C VAL B 34 -2.40 -48.89 -21.02
N TYR B 35 -2.68 -47.89 -20.20
CA TYR B 35 -3.18 -48.11 -18.85
C TYR B 35 -4.69 -47.92 -18.79
N TYR B 36 -5.25 -48.26 -17.62
CA TYR B 36 -6.65 -48.01 -17.29
C TYR B 36 -6.74 -47.70 -15.80
N ASP B 37 -7.54 -46.70 -15.46
CA ASP B 37 -7.71 -46.35 -14.05
C ASP B 37 -8.46 -47.45 -13.32
N SER B 38 -8.07 -47.71 -12.08
CA SER B 38 -8.67 -48.80 -11.31
C SER B 38 -10.16 -48.56 -11.06
N ILE B 39 -10.53 -47.32 -10.71
CA ILE B 39 -11.92 -47.04 -10.35
C ILE B 39 -12.75 -46.79 -11.61
N ASP B 40 -12.18 -46.11 -12.60
CA ASP B 40 -12.92 -45.59 -13.75
C ASP B 40 -12.28 -46.10 -15.05
N LYS B 41 -12.15 -47.43 -15.15
CA LYS B 41 -11.47 -48.11 -16.25
C LYS B 41 -11.84 -47.57 -17.62
N ASN B 42 -12.99 -46.91 -17.74
CA ASN B 42 -13.37 -46.27 -19.00
C ASN B 42 -12.45 -45.12 -19.38
N GLN B 43 -11.63 -44.62 -18.45
CA GLN B 43 -10.63 -43.61 -18.77
C GLN B 43 -9.35 -44.28 -19.25
N ILE B 44 -8.81 -43.79 -20.36
CA ILE B 44 -7.63 -44.37 -20.99
C ILE B 44 -6.46 -43.42 -20.79
N LYS B 45 -5.32 -43.96 -20.36
CA LYS B 45 -4.12 -43.17 -20.13
C LYS B 45 -3.07 -43.51 -21.20
N LEU B 46 -2.54 -42.49 -21.85
CA LEU B 46 -1.53 -42.65 -22.88
C LEU B 46 -0.25 -41.95 -22.46
N ILE B 47 0.86 -42.67 -22.52
CA ILE B 47 2.15 -42.13 -22.12
C ILE B 47 3.01 -41.90 -23.38
N ASN B 48 4.16 -41.25 -23.19
CA ASN B 48 5.01 -40.83 -24.29
C ASN B 48 5.95 -41.96 -24.66
N LEU B 49 5.37 -43.10 -25.03
CA LEU B 49 6.12 -44.27 -25.43
C LEU B 49 5.61 -44.74 -26.79
N GLU B 50 6.49 -45.38 -27.54
CA GLU B 50 6.11 -45.91 -28.84
C GLU B 50 5.07 -47.02 -28.72
N SER B 51 5.16 -47.86 -27.69
CA SER B 51 4.24 -48.96 -27.51
C SER B 51 2.86 -48.51 -27.01
N SER B 52 2.79 -47.39 -26.29
CA SER B 52 1.51 -46.92 -25.74
C SER B 52 0.71 -46.28 -26.87
N THR B 53 0.04 -47.15 -27.63
CA THR B 53 -0.61 -46.74 -28.87
C THR B 53 -1.99 -47.37 -28.94
N ILE B 54 -2.90 -46.68 -29.65
CA ILE B 54 -4.22 -47.24 -29.96
C ILE B 54 -4.52 -46.95 -31.41
N GLU B 55 -4.82 -48.00 -32.18
CA GLU B 55 -5.26 -47.85 -33.56
C GLU B 55 -6.73 -48.23 -33.64
N VAL B 56 -7.53 -47.41 -34.33
CA VAL B 56 -8.89 -47.81 -34.66
C VAL B 56 -9.05 -47.76 -36.17
N ILE B 57 -9.80 -48.73 -36.72
CA ILE B 57 -9.98 -48.86 -38.15
C ILE B 57 -11.49 -48.88 -38.42
N LEU B 58 -11.95 -47.92 -39.21
CA LEU B 58 -13.34 -47.83 -39.61
C LEU B 58 -13.55 -48.64 -40.89
N LYS B 59 -14.69 -48.46 -41.53
CA LYS B 59 -14.99 -49.12 -42.79
C LYS B 59 -14.83 -48.15 -43.96
N ASN B 60 -14.65 -48.72 -45.15
CA ASN B 60 -14.45 -47.90 -46.34
C ASN B 60 -15.70 -47.11 -46.72
N ALA B 61 -16.87 -47.51 -46.23
CA ALA B 61 -18.10 -46.78 -46.52
C ALA B 61 -18.32 -45.58 -45.61
N ILE B 62 -17.49 -45.41 -44.57
CA ILE B 62 -17.63 -44.31 -43.63
C ILE B 62 -16.38 -43.46 -43.55
N VAL B 63 -15.51 -43.55 -44.54
CA VAL B 63 -14.31 -42.71 -44.59
C VAL B 63 -14.69 -41.33 -45.13
N TYR B 64 -14.28 -40.29 -44.41
CA TYR B 64 -14.56 -38.92 -44.83
C TYR B 64 -13.77 -38.60 -46.09
N ASN B 65 -14.47 -38.47 -47.22
CA ASN B 65 -13.82 -38.19 -48.49
C ASN B 65 -14.54 -37.14 -49.32
N SER B 66 -15.57 -36.50 -48.78
CA SER B 66 -16.34 -35.53 -49.54
C SER B 66 -15.85 -34.11 -49.29
N MET B 67 -16.55 -33.15 -49.88
CA MET B 67 -16.23 -31.74 -49.74
C MET B 67 -17.33 -30.95 -49.03
N TYR B 68 -18.56 -31.43 -49.11
CA TYR B 68 -19.70 -30.78 -48.48
C TYR B 68 -20.16 -31.48 -47.20
N GLU B 69 -19.39 -32.46 -46.71
CA GLU B 69 -19.81 -33.29 -45.59
C GLU B 69 -19.41 -32.62 -44.28
N ASN B 70 -20.41 -32.31 -43.45
CA ASN B 70 -20.18 -31.78 -42.12
C ASN B 70 -19.88 -32.92 -41.15
N PHE B 71 -19.11 -32.64 -40.11
CA PHE B 71 -18.79 -33.70 -39.16
C PHE B 71 -18.34 -33.11 -37.83
N SER B 72 -18.42 -33.93 -36.79
CA SER B 72 -18.14 -33.48 -35.43
C SER B 72 -17.45 -34.59 -34.66
N THR B 73 -16.59 -34.17 -33.72
CA THR B 73 -15.92 -35.07 -32.80
C THR B 73 -16.14 -34.57 -31.38
N SER B 74 -16.05 -35.48 -30.41
CA SER B 74 -16.19 -35.10 -29.01
C SER B 74 -15.43 -36.09 -28.15
N PHE B 75 -14.85 -35.58 -27.07
CA PHE B 75 -14.13 -36.44 -26.13
C PHE B 75 -13.91 -35.69 -24.83
N TRP B 76 -13.37 -36.41 -23.84
CA TRP B 76 -12.96 -35.87 -22.56
C TRP B 76 -11.46 -36.06 -22.42
N ILE B 77 -10.75 -35.00 -22.05
CA ILE B 77 -9.29 -35.03 -21.98
C ILE B 77 -8.83 -34.42 -20.66
N LYS B 78 -7.82 -35.05 -20.06
CA LYS B 78 -7.13 -34.55 -18.88
C LYS B 78 -5.66 -34.45 -19.20
N ILE B 79 -5.09 -33.24 -19.04
CA ILE B 79 -3.71 -32.95 -19.38
C ILE B 79 -3.03 -32.43 -18.12
N PRO B 80 -1.96 -33.08 -17.65
CA PRO B 80 -1.31 -32.63 -16.42
C PRO B 80 -0.64 -31.27 -16.61
N LYS B 81 -0.07 -30.79 -15.51
CA LYS B 81 0.65 -29.52 -15.54
C LYS B 81 1.97 -29.66 -16.28
N TYR B 82 2.36 -28.60 -16.99
CA TYR B 82 3.68 -28.52 -17.60
C TYR B 82 4.63 -27.89 -16.59
N PHE B 83 5.73 -28.58 -16.29
CA PHE B 83 6.56 -28.25 -15.14
C PHE B 83 7.79 -27.42 -15.48
N SER B 84 8.48 -27.71 -16.58
CA SER B 84 9.78 -27.11 -16.84
C SER B 84 9.78 -26.48 -18.22
N LYS B 85 10.91 -25.85 -18.59
CA LYS B 85 10.98 -25.09 -19.83
C LYS B 85 11.06 -25.97 -21.07
N ILE B 86 11.23 -27.28 -20.91
CA ILE B 86 11.31 -28.18 -22.06
C ILE B 86 9.99 -28.18 -22.84
N ASN B 87 8.89 -27.81 -22.18
CA ASN B 87 7.57 -28.04 -22.75
C ASN B 87 7.08 -26.95 -23.70
N LEU B 88 7.61 -25.72 -23.63
CA LEU B 88 7.13 -24.70 -24.54
C LEU B 88 7.62 -24.97 -25.97
N ASN B 89 6.84 -24.49 -26.95
CA ASN B 89 7.16 -24.65 -28.36
C ASN B 89 7.38 -26.12 -28.72
N ASN B 90 6.49 -26.98 -28.23
CA ASN B 90 6.61 -28.43 -28.34
C ASN B 90 5.28 -29.04 -28.77
N GLU B 91 4.68 -28.49 -29.82
CA GLU B 91 3.40 -28.99 -30.31
C GLU B 91 3.49 -30.47 -30.65
N TYR B 92 2.72 -31.30 -29.95
CA TYR B 92 2.73 -32.74 -30.17
C TYR B 92 1.30 -33.25 -30.42
N THR B 93 1.17 -34.11 -31.42
CA THR B 93 -0.12 -34.64 -31.82
C THR B 93 -0.56 -35.77 -30.89
N ILE B 94 -1.82 -35.74 -30.48
CA ILE B 94 -2.39 -36.78 -29.63
C ILE B 94 -3.39 -37.64 -30.39
N ILE B 95 -4.17 -37.07 -31.31
CA ILE B 95 -5.06 -37.85 -32.17
C ILE B 95 -4.83 -37.40 -33.61
N ASN B 96 -4.70 -38.37 -34.51
CA ASN B 96 -4.29 -38.10 -35.88
C ASN B 96 -5.16 -38.87 -36.86
N CYS B 97 -5.57 -38.22 -37.95
CA CYS B 97 -6.23 -38.88 -39.06
C CYS B 97 -5.80 -38.28 -40.40
N ILE B 98 -4.50 -38.01 -40.57
CA ILE B 98 -3.99 -37.45 -41.83
C ILE B 98 -3.18 -38.52 -42.55
N GLU B 99 -3.49 -38.72 -43.83
CA GLU B 99 -2.74 -39.59 -44.71
C GLU B 99 -2.53 -38.88 -46.02
N ASN B 100 -1.34 -39.05 -46.61
CA ASN B 100 -0.96 -38.36 -47.84
C ASN B 100 -1.12 -36.84 -47.69
N ASN B 101 -0.86 -36.35 -46.48
CA ASN B 101 -0.99 -34.94 -46.13
C ASN B 101 -2.41 -34.42 -46.40
N SER B 102 -3.39 -35.07 -45.76
CA SER B 102 -4.78 -34.64 -45.84
C SER B 102 -5.57 -35.30 -44.72
N GLY B 103 -6.19 -34.50 -43.87
CA GLY B 103 -7.03 -35.04 -42.82
C GLY B 103 -7.18 -34.07 -41.67
N TRP B 104 -7.62 -34.61 -40.53
CA TRP B 104 -7.86 -33.85 -39.33
C TRP B 104 -7.07 -34.41 -38.16
N LYS B 105 -6.64 -33.53 -37.27
CA LYS B 105 -5.87 -33.97 -36.11
C LYS B 105 -6.12 -33.02 -34.95
N VAL B 106 -5.88 -33.52 -33.74
CA VAL B 106 -5.92 -32.70 -32.54
C VAL B 106 -4.64 -32.94 -31.76
N SER B 107 -4.03 -31.83 -31.33
CA SER B 107 -2.72 -31.84 -30.71
C SER B 107 -2.72 -30.89 -29.51
N LEU B 108 -1.65 -30.97 -28.71
CA LEU B 108 -1.53 -30.16 -27.51
C LEU B 108 -0.20 -29.43 -27.51
N ASN B 109 -0.21 -28.20 -27.02
CA ASN B 109 0.97 -27.39 -26.80
C ASN B 109 0.91 -26.82 -25.39
N TYR B 110 1.93 -26.06 -25.01
CA TYR B 110 1.95 -25.48 -23.68
C TYR B 110 0.74 -24.58 -23.51
N GLY B 111 -0.22 -25.04 -22.71
CA GLY B 111 -1.47 -24.32 -22.52
C GLY B 111 -2.30 -24.14 -23.78
N GLU B 112 -2.27 -25.10 -24.70
CA GLU B 112 -3.06 -24.99 -25.91
C GLU B 112 -3.61 -26.35 -26.33
N ILE B 113 -4.85 -26.37 -26.79
CA ILE B 113 -5.45 -27.51 -27.45
C ILE B 113 -5.82 -27.09 -28.87
N ILE B 114 -5.24 -27.74 -29.87
CA ILE B 114 -5.31 -27.28 -31.25
C ILE B 114 -6.01 -28.35 -32.10
N TRP B 115 -6.96 -27.91 -32.91
CA TRP B 115 -7.63 -28.75 -33.88
C TRP B 115 -7.26 -28.28 -35.29
N THR B 116 -6.74 -29.19 -36.11
CA THR B 116 -6.20 -28.84 -37.41
C THR B 116 -6.91 -29.62 -38.51
N LEU B 117 -7.31 -28.92 -39.56
CA LEU B 117 -7.86 -29.49 -40.77
C LEU B 117 -6.96 -29.17 -41.95
N GLN B 118 -6.78 -30.14 -42.85
CA GLN B 118 -5.94 -29.95 -44.02
C GLN B 118 -6.47 -30.76 -45.18
N ASP B 119 -6.54 -30.13 -46.36
CA ASP B 119 -7.13 -30.73 -47.54
C ASP B 119 -6.06 -31.20 -48.52
N ASN B 120 -6.49 -31.60 -49.71
CA ASN B 120 -5.56 -32.08 -50.73
C ASN B 120 -4.69 -30.96 -51.28
N LYS B 121 -5.07 -29.70 -51.05
CA LYS B 121 -4.31 -28.54 -51.49
C LYS B 121 -3.38 -27.98 -50.42
N GLN B 122 -3.11 -28.77 -49.37
CA GLN B 122 -2.22 -28.38 -48.28
C GLN B 122 -2.58 -27.02 -47.70
N ASN B 123 -3.86 -26.80 -47.45
CA ASN B 123 -4.32 -25.60 -46.77
C ASN B 123 -4.67 -25.95 -45.32
N ILE B 124 -4.04 -25.23 -44.40
CA ILE B 124 -4.16 -25.50 -42.96
C ILE B 124 -5.23 -24.59 -42.38
N GLN B 125 -6.16 -25.16 -41.62
CA GLN B 125 -7.08 -24.39 -40.80
C GLN B 125 -6.96 -24.86 -39.36
N ARG B 126 -6.68 -23.93 -38.45
CA ARG B 126 -6.37 -24.27 -37.07
C ARG B 126 -7.30 -23.52 -36.14
N VAL B 127 -7.96 -24.27 -35.23
CA VAL B 127 -8.81 -23.70 -34.20
C VAL B 127 -8.21 -24.09 -32.86
N VAL B 128 -7.88 -23.09 -32.05
CA VAL B 128 -7.06 -23.28 -30.87
C VAL B 128 -7.80 -22.76 -29.63
N PHE B 129 -7.69 -23.51 -28.54
CA PHE B 129 -8.17 -23.10 -27.23
C PHE B 129 -6.98 -22.92 -26.32
N LYS B 130 -6.90 -21.76 -25.67
CA LYS B 130 -5.76 -21.40 -24.84
C LYS B 130 -6.21 -21.22 -23.40
N TYR B 131 -5.48 -21.85 -22.47
CA TYR B 131 -5.68 -21.65 -21.05
C TYR B 131 -4.35 -21.27 -20.41
N SER B 132 -4.40 -20.30 -19.50
CA SER B 132 -3.18 -19.82 -18.87
C SER B 132 -2.74 -20.77 -17.77
N GLN B 133 -1.49 -20.62 -17.36
CA GLN B 133 -0.91 -21.42 -16.28
C GLN B 133 -0.49 -20.57 -15.08
N MET B 134 -0.60 -19.25 -15.18
CA MET B 134 -0.23 -18.34 -14.10
C MET B 134 -1.39 -18.03 -13.17
N VAL B 135 -2.58 -18.56 -13.43
CA VAL B 135 -3.73 -18.29 -12.59
C VAL B 135 -3.54 -18.94 -11.22
N ASN B 136 -4.21 -18.37 -10.21
CA ASN B 136 -4.11 -18.93 -8.87
C ASN B 136 -4.75 -20.30 -8.80
N ILE B 137 -5.99 -20.43 -9.30
CA ILE B 137 -6.70 -21.70 -9.37
C ILE B 137 -7.24 -21.84 -10.78
N SER B 138 -6.84 -22.91 -11.47
CA SER B 138 -7.15 -23.09 -12.87
C SER B 138 -8.31 -24.05 -13.06
N ASP B 139 -9.09 -23.82 -14.11
CA ASP B 139 -10.20 -24.68 -14.45
C ASP B 139 -9.84 -25.76 -15.46
N TYR B 140 -8.59 -25.80 -15.92
CA TYR B 140 -8.24 -26.72 -16.99
C TYR B 140 -6.97 -27.50 -16.69
N ILE B 141 -6.14 -27.00 -15.78
CA ILE B 141 -4.89 -27.68 -15.47
C ILE B 141 -5.17 -28.94 -14.67
N ASN B 142 -4.87 -30.11 -15.26
CA ASN B 142 -4.99 -31.41 -14.62
C ASN B 142 -6.45 -31.74 -14.26
N ARG B 143 -7.41 -31.15 -14.93
CA ARG B 143 -8.81 -31.41 -14.69
C ARG B 143 -9.48 -31.87 -15.98
N TRP B 144 -10.54 -32.66 -15.84
CA TRP B 144 -11.21 -33.19 -17.02
C TRP B 144 -11.89 -32.07 -17.80
N ILE B 145 -11.72 -32.10 -19.11
CA ILE B 145 -12.25 -31.08 -20.01
C ILE B 145 -13.04 -31.78 -21.11
N PHE B 146 -14.24 -31.28 -21.38
CA PHE B 146 -15.08 -31.82 -22.45
C PHE B 146 -14.85 -31.00 -23.70
N VAL B 147 -14.22 -31.61 -24.72
CA VAL B 147 -13.87 -30.93 -25.95
C VAL B 147 -14.77 -31.45 -27.05
N THR B 148 -15.45 -30.53 -27.75
CA THR B 148 -16.30 -30.89 -28.88
C THR B 148 -15.99 -29.98 -30.05
N ILE B 149 -15.73 -30.57 -31.21
CA ILE B 149 -15.32 -29.82 -32.39
C ILE B 149 -16.30 -30.11 -33.52
N THR B 150 -16.87 -29.06 -34.10
CA THR B 150 -17.85 -29.17 -35.16
C THR B 150 -17.32 -28.55 -36.44
N ASN B 151 -17.76 -29.08 -37.57
CA ASN B 151 -17.25 -28.68 -38.88
C ASN B 151 -18.40 -28.62 -39.86
N ASN B 152 -18.81 -27.41 -40.24
CA ASN B 152 -19.73 -27.16 -41.35
C ASN B 152 -18.91 -26.60 -42.50
N ARG B 153 -18.74 -27.41 -43.54
CA ARG B 153 -17.89 -27.03 -44.67
C ARG B 153 -18.39 -25.77 -45.36
N LEU B 154 -19.68 -25.47 -45.28
CA LEU B 154 -20.21 -24.26 -45.87
C LEU B 154 -19.94 -23.01 -45.05
N THR B 155 -19.92 -23.09 -43.72
CA THR B 155 -19.77 -21.89 -42.91
C THR B 155 -18.48 -21.86 -42.10
N LYS B 156 -18.27 -22.78 -41.16
CA LYS B 156 -17.21 -22.57 -40.17
C LYS B 156 -16.80 -23.88 -39.52
N SER B 157 -15.65 -23.83 -38.85
CA SER B 157 -15.21 -24.86 -37.92
C SER B 157 -15.17 -24.24 -36.52
N LYS B 158 -15.82 -24.89 -35.55
CA LYS B 158 -15.94 -24.33 -34.22
C LYS B 158 -15.47 -25.34 -33.17
N ILE B 159 -14.95 -24.80 -32.06
CA ILE B 159 -14.54 -25.61 -30.92
C ILE B 159 -15.37 -25.21 -29.71
N TYR B 160 -15.57 -26.17 -28.80
CA TYR B 160 -16.40 -25.99 -27.62
C TYR B 160 -15.72 -26.67 -26.45
N ILE B 161 -15.50 -25.90 -25.38
CA ILE B 161 -14.91 -26.41 -24.14
C ILE B 161 -15.99 -26.42 -23.08
N ASN B 162 -16.31 -27.62 -22.59
CA ASN B 162 -17.37 -27.81 -21.60
C ASN B 162 -18.72 -27.28 -22.09
N GLY B 163 -18.98 -27.42 -23.39
CA GLY B 163 -20.26 -27.04 -23.95
C GLY B 163 -20.40 -25.59 -24.34
N ARG B 164 -19.40 -24.75 -24.10
CA ARG B 164 -19.45 -23.35 -24.44
C ARG B 164 -18.47 -23.05 -25.57
N LEU B 165 -18.87 -22.17 -26.49
CA LEU B 165 -18.06 -21.86 -27.65
C LEU B 165 -16.81 -21.08 -27.24
N ILE B 166 -15.67 -21.43 -27.84
CA ILE B 166 -14.39 -20.81 -27.53
C ILE B 166 -13.76 -20.16 -28.75
N ASP B 167 -13.76 -20.85 -29.89
CA ASP B 167 -13.16 -20.30 -31.10
C ASP B 167 -13.88 -20.84 -32.31
N GLN B 168 -13.82 -20.08 -33.40
CA GLN B 168 -14.47 -20.44 -34.65
C GLN B 168 -13.73 -19.78 -35.80
N LYS B 169 -13.55 -20.52 -36.89
CA LYS B 169 -12.79 -20.03 -38.04
C LYS B 169 -13.45 -20.45 -39.35
N PRO B 170 -13.53 -19.56 -40.34
CA PRO B 170 -14.12 -19.94 -41.62
C PRO B 170 -13.26 -20.93 -42.37
N ILE B 171 -13.92 -21.92 -42.96
CA ILE B 171 -13.22 -22.99 -43.68
C ILE B 171 -13.81 -23.15 -45.08
N SER B 172 -14.62 -22.18 -45.50
CA SER B 172 -15.21 -22.23 -46.83
C SER B 172 -14.15 -22.20 -47.93
N ASN B 173 -12.96 -21.70 -47.63
CA ASN B 173 -11.89 -21.69 -48.62
C ASN B 173 -11.29 -23.07 -48.83
N LEU B 174 -11.38 -23.94 -47.83
CA LEU B 174 -10.77 -25.26 -47.91
C LEU B 174 -11.42 -26.10 -49.00
N GLY B 175 -10.62 -26.92 -49.67
CA GLY B 175 -11.10 -27.78 -50.73
C GLY B 175 -11.52 -29.16 -50.24
N ASN B 176 -11.21 -30.19 -51.02
CA ASN B 176 -11.65 -31.54 -50.69
C ASN B 176 -10.74 -32.14 -49.63
N ILE B 177 -11.33 -32.57 -48.52
CA ILE B 177 -10.60 -33.09 -47.38
C ILE B 177 -10.71 -34.62 -47.40
N HIS B 178 -9.57 -35.28 -47.48
CA HIS B 178 -9.51 -36.74 -47.38
C HIS B 178 -9.20 -37.13 -45.95
N ALA B 179 -9.66 -38.33 -45.56
CA ALA B 179 -9.45 -38.83 -44.22
C ALA B 179 -8.84 -40.22 -44.27
N SER B 180 -8.02 -40.52 -43.27
CA SER B 180 -7.37 -41.82 -43.20
C SER B 180 -8.37 -42.92 -42.91
N ASN B 181 -8.09 -44.12 -43.42
CA ASN B 181 -8.88 -45.29 -43.08
C ASN B 181 -8.72 -45.67 -41.61
N LYS B 182 -7.67 -45.19 -40.96
CA LYS B 182 -7.32 -45.56 -39.59
C LYS B 182 -7.07 -44.31 -38.77
N ILE B 183 -7.57 -44.31 -37.54
CA ILE B 183 -7.44 -43.17 -36.62
C ILE B 183 -6.46 -43.54 -35.52
N MET B 184 -5.63 -42.55 -35.16
CA MET B 184 -4.51 -42.69 -34.25
C MET B 184 -4.89 -42.24 -32.84
N PHE B 185 -4.29 -42.90 -31.84
CA PHE B 185 -4.32 -42.43 -30.46
C PHE B 185 -2.95 -42.71 -29.85
N LYS B 186 -2.05 -41.71 -29.94
CA LYS B 186 -0.71 -41.83 -29.39
C LYS B 186 -0.07 -40.46 -29.37
N LEU B 187 0.93 -40.29 -28.50
CA LEU B 187 1.65 -39.03 -28.40
C LEU B 187 2.78 -39.01 -29.43
N ASP B 188 2.68 -38.11 -30.39
CA ASP B 188 3.66 -37.99 -31.46
C ASP B 188 4.38 -36.64 -31.36
N GLY B 189 5.70 -36.68 -31.35
CA GLY B 189 6.49 -35.46 -31.40
C GLY B 189 6.64 -34.72 -30.08
N CYS B 190 6.53 -35.41 -28.95
CA CYS B 190 6.71 -34.80 -27.65
C CYS B 190 8.15 -35.02 -27.19
N ARG B 191 8.88 -33.91 -26.99
CA ARG B 191 10.25 -34.01 -26.50
C ARG B 191 10.32 -34.36 -25.01
N ASP B 192 9.26 -34.08 -24.26
CA ASP B 192 9.22 -34.45 -22.85
C ASP B 192 9.03 -35.95 -22.72
N PRO B 193 9.94 -36.67 -22.05
CA PRO B 193 9.81 -38.13 -21.96
C PRO B 193 9.00 -38.61 -20.75
N ARG B 194 8.36 -37.72 -20.01
CA ARG B 194 7.53 -38.10 -18.88
C ARG B 194 6.15 -37.45 -18.97
N ARG B 195 5.68 -37.22 -20.19
CA ARG B 195 4.43 -36.51 -20.45
C ARG B 195 3.37 -37.50 -20.92
N TYR B 196 2.21 -37.46 -20.28
CA TYR B 196 1.11 -38.36 -20.57
C TYR B 196 -0.19 -37.56 -20.61
N ILE B 197 -1.23 -38.18 -21.19
CA ILE B 197 -2.56 -37.59 -21.23
C ILE B 197 -3.57 -38.66 -20.85
N MET B 198 -4.80 -38.23 -20.58
CA MET B 198 -5.93 -39.14 -20.37
C MET B 198 -7.05 -38.74 -21.29
N ILE B 199 -7.61 -39.71 -22.01
CA ILE B 199 -8.75 -39.47 -22.89
C ILE B 199 -9.84 -40.48 -22.55
N LYS B 200 -11.09 -40.08 -22.76
CA LYS B 200 -12.20 -40.99 -22.55
C LYS B 200 -13.41 -40.49 -23.33
N TYR B 201 -14.29 -41.42 -23.68
CA TYR B 201 -15.57 -41.13 -24.32
C TYR B 201 -15.38 -40.37 -25.63
N PHE B 202 -14.73 -41.03 -26.59
CA PHE B 202 -14.53 -40.47 -27.92
C PHE B 202 -15.70 -40.84 -28.82
N ASN B 203 -16.43 -39.81 -29.27
CA ASN B 203 -17.58 -39.99 -30.15
C ASN B 203 -17.38 -39.21 -31.43
N LEU B 204 -17.88 -39.78 -32.53
CA LEU B 204 -17.79 -39.18 -33.85
C LEU B 204 -19.17 -39.14 -34.48
N PHE B 205 -19.50 -38.01 -35.12
CA PHE B 205 -20.79 -37.83 -35.77
C PHE B 205 -20.57 -37.26 -37.17
N ASP B 206 -21.47 -37.62 -38.09
CA ASP B 206 -21.40 -37.20 -39.49
C ASP B 206 -22.20 -35.95 -39.78
N LYS B 207 -22.53 -35.16 -38.76
CA LYS B 207 -23.21 -33.89 -38.95
C LYS B 207 -22.69 -32.90 -37.91
N GLU B 208 -22.84 -31.62 -38.23
CA GLU B 208 -22.42 -30.57 -37.32
C GLU B 208 -23.41 -30.43 -36.18
N LEU B 209 -22.93 -30.56 -34.94
CA LEU B 209 -23.80 -30.38 -33.79
C LEU B 209 -24.01 -28.90 -33.50
N ASN B 210 -25.19 -28.56 -33.00
CA ASN B 210 -25.49 -27.22 -32.55
C ASN B 210 -25.32 -27.14 -31.03
N GLU B 211 -25.69 -26.01 -30.45
CA GLU B 211 -25.49 -25.81 -29.02
C GLU B 211 -26.34 -26.77 -28.20
N LYS B 212 -27.57 -27.03 -28.64
CA LYS B 212 -28.46 -27.90 -27.86
C LYS B 212 -27.92 -29.31 -27.76
N GLU B 213 -27.51 -29.89 -28.89
CA GLU B 213 -27.00 -31.25 -28.88
C GLU B 213 -25.67 -31.35 -28.14
N ILE B 214 -24.79 -30.37 -28.32
CA ILE B 214 -23.53 -30.38 -27.57
C ILE B 214 -23.83 -30.32 -26.08
N LYS B 215 -24.76 -29.46 -25.69
CA LYS B 215 -25.06 -29.31 -24.27
C LYS B 215 -25.65 -30.58 -23.68
N ASP B 216 -26.66 -31.18 -24.34
CA ASP B 216 -27.28 -32.34 -23.74
C ASP B 216 -26.36 -33.56 -23.80
N LEU B 217 -25.46 -33.60 -24.79
CA LEU B 217 -24.40 -34.61 -24.76
C LEU B 217 -23.49 -34.38 -23.55
N TYR B 218 -23.18 -33.13 -23.24
CA TYR B 218 -22.34 -32.82 -22.09
C TYR B 218 -23.00 -33.29 -20.80
N ASP B 219 -24.30 -33.01 -20.64
CA ASP B 219 -25.00 -33.50 -19.45
C ASP B 219 -25.07 -35.02 -19.42
N SER B 220 -25.30 -35.65 -20.57
CA SER B 220 -25.41 -37.11 -20.59
C SER B 220 -24.10 -37.79 -20.19
N GLN B 221 -22.98 -37.28 -20.69
CA GLN B 221 -21.68 -37.87 -20.40
C GLN B 221 -21.06 -37.36 -19.10
N SER B 222 -21.72 -36.45 -18.40
CA SER B 222 -21.13 -35.86 -17.20
C SER B 222 -21.28 -36.74 -15.97
N ASN B 223 -22.16 -37.74 -16.00
CA ASN B 223 -22.45 -38.59 -14.84
C ASN B 223 -22.84 -37.74 -13.63
N SER B 224 -23.95 -37.01 -13.79
CA SER B 224 -24.38 -36.06 -12.77
C SER B 224 -24.80 -36.71 -11.48
N GLY B 225 -25.07 -38.01 -11.48
CA GLY B 225 -25.51 -38.70 -10.28
C GLY B 225 -24.41 -39.10 -9.32
N ILE B 226 -23.17 -38.77 -9.63
CA ILE B 226 -22.01 -39.17 -8.83
C ILE B 226 -21.20 -37.92 -8.49
N LEU B 227 -20.78 -37.82 -7.23
CA LEU B 227 -19.95 -36.71 -6.80
C LEU B 227 -18.59 -36.75 -7.49
N LYS B 228 -18.00 -35.57 -7.68
CA LYS B 228 -16.71 -35.44 -8.34
C LYS B 228 -15.76 -34.64 -7.46
N ASP B 229 -14.48 -34.97 -7.52
CA ASP B 229 -13.50 -34.23 -6.74
C ASP B 229 -13.07 -32.99 -7.53
N PHE B 230 -11.98 -32.36 -7.09
CA PHE B 230 -11.47 -31.19 -7.79
C PHE B 230 -10.98 -31.54 -9.19
N TRP B 231 -10.42 -32.74 -9.35
CA TRP B 231 -9.85 -33.17 -10.61
C TRP B 231 -10.86 -33.79 -11.56
N GLY B 232 -12.13 -33.88 -11.16
CA GLY B 232 -13.17 -34.44 -12.00
C GLY B 232 -13.37 -35.93 -11.86
N ASN B 233 -12.58 -36.61 -11.03
CA ASN B 233 -12.72 -38.04 -10.83
C ASN B 233 -13.83 -38.32 -9.82
N TYR B 234 -14.10 -39.60 -9.59
CA TYR B 234 -15.12 -39.99 -8.64
C TYR B 234 -14.69 -39.67 -7.22
N LEU B 235 -15.66 -39.33 -6.38
CA LEU B 235 -15.42 -39.12 -4.96
C LEU B 235 -15.52 -40.44 -4.23
N GLN B 236 -14.55 -40.71 -3.36
CA GLN B 236 -14.39 -42.02 -2.75
C GLN B 236 -14.29 -41.91 -1.24
N TYR B 237 -14.68 -43.00 -0.57
CA TYR B 237 -14.56 -43.10 0.88
C TYR B 237 -13.13 -43.47 1.27
N ASP B 238 -12.80 -43.21 2.54
CA ASP B 238 -11.50 -43.55 3.12
C ASP B 238 -10.35 -42.96 2.33
N LYS B 239 -10.54 -41.75 1.79
CA LYS B 239 -9.48 -41.07 1.05
C LYS B 239 -9.39 -39.63 1.55
N PRO B 240 -8.22 -39.17 1.97
CA PRO B 240 -8.11 -37.81 2.50
C PRO B 240 -8.19 -36.77 1.37
N TYR B 241 -9.07 -35.80 1.56
CA TYR B 241 -9.27 -34.72 0.60
C TYR B 241 -8.99 -33.38 1.29
N TYR B 242 -8.30 -32.50 0.58
CA TYR B 242 -8.19 -31.12 1.03
C TYR B 242 -9.43 -30.35 0.61
N MET B 243 -9.79 -29.34 1.39
CA MET B 243 -11.02 -28.62 1.19
C MET B 243 -10.77 -27.26 0.57
N LEU B 244 -11.53 -26.94 -0.47
CA LEU B 244 -11.46 -25.64 -1.11
C LEU B 244 -12.85 -25.04 -1.17
N ASN B 245 -12.96 -23.75 -0.85
CA ASN B 245 -14.24 -23.05 -0.96
C ASN B 245 -14.23 -22.19 -2.22
N LEU B 246 -15.24 -22.38 -3.06
CA LEU B 246 -15.29 -21.63 -4.32
C LEU B 246 -15.51 -20.14 -4.07
N PHE B 247 -16.35 -19.80 -3.08
CA PHE B 247 -16.59 -18.39 -2.78
C PHE B 247 -15.34 -17.71 -2.24
N ASP B 248 -14.57 -18.41 -1.41
CA ASP B 248 -13.35 -17.89 -0.81
C ASP B 248 -12.21 -18.86 -1.10
N PRO B 249 -11.60 -18.77 -2.28
CA PRO B 249 -10.56 -19.72 -2.67
C PRO B 249 -9.15 -19.38 -2.19
N ASN B 250 -8.98 -18.33 -1.38
CA ASN B 250 -7.67 -17.94 -0.89
C ASN B 250 -7.45 -18.33 0.57
N LYS B 251 -8.32 -19.14 1.14
CA LYS B 251 -8.18 -19.60 2.52
C LYS B 251 -8.50 -21.08 2.61
N TYR B 252 -7.87 -21.75 3.56
CA TYR B 252 -8.03 -23.18 3.76
C TYR B 252 -8.65 -23.45 5.12
N VAL B 253 -9.37 -24.57 5.21
CA VAL B 253 -9.99 -24.96 6.46
C VAL B 253 -8.90 -25.34 7.46
N ASP B 254 -8.99 -24.79 8.67
CA ASP B 254 -8.03 -25.08 9.72
C ASP B 254 -8.79 -25.19 11.04
N VAL B 255 -8.17 -25.86 12.01
CA VAL B 255 -8.72 -25.94 13.36
C VAL B 255 -7.68 -25.41 14.33
N ASN B 256 -8.16 -24.96 15.49
CA ASN B 256 -7.30 -24.46 16.55
C ASN B 256 -7.36 -25.31 17.80
N ASN B 257 -8.56 -25.71 18.22
CA ASN B 257 -8.74 -26.54 19.39
C ASN B 257 -9.64 -27.72 19.04
N ILE B 258 -9.51 -28.78 19.84
CA ILE B 258 -10.23 -30.02 19.64
C ILE B 258 -11.38 -30.09 20.63
N GLY B 259 -12.58 -30.30 20.13
CA GLY B 259 -13.75 -30.46 20.96
C GLY B 259 -14.81 -29.40 20.69
N ILE B 260 -15.80 -29.38 21.58
CA ILE B 260 -16.91 -28.43 21.43
C ILE B 260 -16.43 -27.00 21.60
N ARG B 261 -15.54 -26.76 22.56
CA ARG B 261 -15.03 -25.42 22.76
C ARG B 261 -14.21 -24.92 21.58
N GLY B 262 -13.76 -25.83 20.72
CA GLY B 262 -13.00 -25.47 19.54
C GLY B 262 -13.90 -25.29 18.32
N TYR B 263 -13.37 -24.57 17.34
CA TYR B 263 -14.07 -24.31 16.08
C TYR B 263 -13.10 -24.47 14.92
N MET B 264 -13.65 -24.74 13.75
CA MET B 264 -12.86 -24.77 12.51
C MET B 264 -13.21 -23.56 11.68
N TYR B 265 -12.17 -22.91 11.15
CA TYR B 265 -12.34 -21.63 10.46
C TYR B 265 -11.54 -21.64 9.16
N LEU B 266 -11.60 -20.51 8.45
CA LEU B 266 -10.91 -20.32 7.19
C LEU B 266 -9.68 -19.46 7.45
N LYS B 267 -8.50 -20.06 7.32
CA LYS B 267 -7.24 -19.38 7.58
C LYS B 267 -6.48 -19.20 6.26
N GLY B 268 -5.90 -18.02 6.07
CA GLY B 268 -5.17 -17.73 4.87
C GLY B 268 -3.99 -16.81 5.11
N PRO B 269 -3.37 -16.33 4.02
CA PRO B 269 -3.65 -16.66 2.62
C PRO B 269 -2.94 -17.94 2.18
N ARG B 270 -3.33 -18.51 1.05
CA ARG B 270 -2.68 -19.70 0.54
C ARG B 270 -1.28 -19.38 0.04
N GLY B 271 -0.43 -20.40 0.01
CA GLY B 271 0.92 -20.27 -0.50
C GLY B 271 0.93 -20.21 -2.01
N SER B 272 2.11 -20.46 -2.57
CA SER B 272 2.26 -20.45 -4.02
C SER B 272 3.33 -21.44 -4.43
N VAL B 273 3.17 -21.98 -5.63
CA VAL B 273 4.18 -22.82 -6.29
C VAL B 273 4.55 -22.14 -7.59
N VAL B 274 5.85 -21.87 -7.77
CA VAL B 274 6.35 -21.04 -8.85
C VAL B 274 7.49 -21.75 -9.55
N THR B 275 7.58 -21.58 -10.87
CA THR B 275 8.72 -22.06 -11.63
C THR B 275 9.18 -21.02 -12.64
N THR B 276 9.12 -19.73 -12.28
CA THR B 276 9.76 -18.65 -13.02
C THR B 276 9.29 -18.60 -14.47
N ASN B 277 8.03 -18.19 -14.63
CA ASN B 277 7.35 -18.00 -15.91
C ASN B 277 6.97 -19.33 -16.55
N ILE B 278 6.82 -20.38 -15.76
CA ILE B 278 6.18 -21.61 -16.19
C ILE B 278 4.82 -21.80 -15.53
N TYR B 279 4.77 -21.65 -14.21
CA TYR B 279 3.48 -21.59 -13.53
C TYR B 279 3.64 -20.81 -12.23
N LEU B 280 2.56 -20.15 -11.83
CA LEU B 280 2.48 -19.36 -10.61
C LEU B 280 1.24 -19.76 -9.82
N ASN B 281 1.08 -21.06 -9.60
CA ASN B 281 -0.17 -21.56 -9.07
C ASN B 281 -0.25 -21.35 -7.56
N SER B 282 -1.46 -21.49 -7.03
CA SER B 282 -1.69 -21.39 -5.60
C SER B 282 -1.66 -22.77 -4.98
N THR B 283 -1.08 -22.86 -3.78
CA THR B 283 -0.92 -24.14 -3.11
C THR B 283 -2.28 -24.77 -2.80
N LEU B 284 -2.43 -26.05 -3.15
CA LEU B 284 -3.68 -26.76 -2.97
C LEU B 284 -3.65 -27.76 -1.82
N TYR B 285 -2.49 -28.07 -1.27
CA TYR B 285 -2.36 -29.07 -0.21
C TYR B 285 -2.22 -28.44 1.15
N GLU B 286 -2.95 -27.35 1.41
CA GLU B 286 -2.93 -26.67 2.69
C GLU B 286 -4.25 -26.90 3.43
N GLY B 287 -4.16 -27.02 4.75
CA GLY B 287 -5.32 -27.12 5.60
C GLY B 287 -5.41 -28.49 6.26
N THR B 288 -6.63 -28.87 6.62
CA THR B 288 -6.91 -30.15 7.25
C THR B 288 -7.64 -31.04 6.26
N LYS B 289 -7.21 -32.29 6.18
CA LYS B 289 -7.81 -33.25 5.27
C LYS B 289 -9.17 -33.70 5.77
N PHE B 290 -10.10 -33.90 4.84
CA PHE B 290 -11.44 -34.40 5.13
C PHE B 290 -11.56 -35.80 4.56
N ILE B 291 -11.95 -36.75 5.41
CA ILE B 291 -12.21 -38.11 4.98
C ILE B 291 -13.71 -38.36 5.05
N ILE B 292 -14.22 -39.14 4.10
CA ILE B 292 -15.65 -39.46 4.03
C ILE B 292 -15.82 -40.93 4.41
N LYS B 293 -16.66 -41.18 5.41
CA LYS B 293 -16.91 -42.54 5.90
C LYS B 293 -18.35 -42.93 5.61
N LYS B 294 -18.53 -44.10 5.00
CA LYS B 294 -19.86 -44.56 4.65
C LYS B 294 -20.62 -44.97 5.89
N TYR B 295 -21.88 -44.55 5.98
CA TYR B 295 -22.76 -44.87 7.09
C TYR B 295 -23.96 -45.68 6.65
N ALA B 296 -24.71 -45.20 5.65
CA ALA B 296 -25.91 -45.87 5.18
C ALA B 296 -25.85 -46.27 3.71
N SER B 297 -24.72 -46.05 3.04
CA SER B 297 -24.61 -46.38 1.63
C SER B 297 -24.46 -47.89 1.46
N GLY B 298 -25.46 -48.52 0.85
CA GLY B 298 -25.42 -49.95 0.64
C GLY B 298 -24.62 -50.41 -0.55
N ASN B 299 -24.13 -49.47 -1.36
CA ASN B 299 -23.32 -49.84 -2.52
C ASN B 299 -22.01 -50.47 -2.08
N GLU B 300 -21.58 -51.49 -2.82
CA GLU B 300 -20.35 -52.19 -2.47
C GLU B 300 -19.12 -51.38 -2.82
N ASP B 301 -19.18 -50.57 -3.88
CA ASP B 301 -18.02 -49.80 -4.30
C ASP B 301 -17.77 -48.63 -3.37
N ASN B 302 -16.59 -48.04 -3.49
CA ASN B 302 -16.18 -46.90 -2.69
C ASN B 302 -16.64 -45.58 -3.27
N ILE B 303 -17.36 -45.60 -4.40
CA ILE B 303 -17.76 -44.37 -5.07
C ILE B 303 -18.86 -43.69 -4.26
N VAL B 304 -18.73 -42.37 -4.08
CA VAL B 304 -19.71 -41.58 -3.35
C VAL B 304 -20.75 -41.07 -4.35
N ARG B 305 -22.00 -41.45 -4.15
CA ARG B 305 -23.09 -41.07 -5.04
C ARG B 305 -23.95 -39.98 -4.40
N ASN B 306 -24.91 -39.49 -5.18
CA ASN B 306 -25.78 -38.43 -4.72
C ASN B 306 -26.70 -38.93 -3.61
N ASN B 307 -27.10 -38.00 -2.74
CA ASN B 307 -28.02 -38.27 -1.63
C ASN B 307 -27.48 -39.30 -0.64
N ASP B 308 -26.17 -39.53 -0.64
CA ASP B 308 -25.58 -40.45 0.31
C ASP B 308 -25.44 -39.79 1.68
N ARG B 309 -25.76 -40.54 2.73
CA ARG B 309 -25.68 -40.05 4.10
C ARG B 309 -24.43 -40.64 4.73
N VAL B 310 -23.45 -39.77 5.01
CA VAL B 310 -22.10 -40.18 5.35
C VAL B 310 -21.67 -39.45 6.61
N TYR B 311 -20.46 -39.78 7.07
CA TYR B 311 -19.79 -39.08 8.16
C TYR B 311 -18.53 -38.42 7.61
N ILE B 312 -18.11 -37.32 8.24
CA ILE B 312 -16.96 -36.57 7.78
C ILE B 312 -15.92 -36.58 8.90
N ASN B 313 -14.89 -37.40 8.73
CA ASN B 313 -13.72 -37.33 9.60
C ASN B 313 -12.82 -36.18 9.18
N VAL B 314 -12.11 -35.62 10.14
CA VAL B 314 -11.19 -34.51 9.93
C VAL B 314 -9.82 -34.92 10.48
N VAL B 315 -8.78 -34.72 9.69
CA VAL B 315 -7.43 -35.15 10.07
C VAL B 315 -6.70 -33.96 10.66
N VAL B 316 -6.37 -34.04 11.95
CA VAL B 316 -5.61 -33.03 12.64
C VAL B 316 -4.40 -33.70 13.27
N LYS B 317 -3.21 -33.26 12.87
CA LYS B 317 -1.93 -33.80 13.36
C LYS B 317 -1.88 -35.32 13.22
N ASN B 318 -2.31 -35.78 12.04
CA ASN B 318 -2.39 -37.20 11.72
C ASN B 318 -3.23 -37.96 12.74
N LYS B 319 -4.33 -37.37 13.17
CA LYS B 319 -5.30 -38.03 14.04
C LYS B 319 -6.70 -37.73 13.54
N GLU B 320 -7.58 -38.73 13.56
CA GLU B 320 -8.89 -38.63 12.94
C GLU B 320 -9.95 -38.27 13.97
N TYR B 321 -10.63 -37.15 13.74
CA TYR B 321 -11.75 -36.68 14.55
C TYR B 321 -13.01 -36.69 13.69
N ARG B 322 -14.14 -36.30 14.30
CA ARG B 322 -15.43 -36.34 13.63
C ARG B 322 -16.02 -34.94 13.57
N LEU B 323 -16.66 -34.62 12.45
CA LEU B 323 -17.43 -33.39 12.32
C LEU B 323 -18.74 -33.52 13.09
N ALA B 324 -18.99 -32.57 13.97
CA ALA B 324 -20.26 -32.57 14.71
C ALA B 324 -20.51 -31.17 15.24
N THR B 325 -21.76 -30.91 15.56
CA THR B 325 -22.20 -29.63 16.10
C THR B 325 -23.38 -29.85 17.02
N ASN B 326 -23.61 -28.89 17.92
CA ASN B 326 -24.74 -28.95 18.84
C ASN B 326 -25.98 -28.43 18.14
N ALA B 327 -27.02 -29.26 18.08
CA ALA B 327 -28.23 -28.89 17.34
C ALA B 327 -29.00 -27.78 18.03
N SER B 328 -28.79 -27.57 19.32
CA SER B 328 -29.57 -26.61 20.10
C SER B 328 -28.62 -25.56 20.69
N GLN B 329 -28.39 -24.49 19.92
CA GLN B 329 -27.62 -23.34 20.38
C GLN B 329 -28.24 -22.07 19.79
N ALA B 330 -27.63 -20.93 20.09
CA ALA B 330 -28.15 -19.66 19.64
C ALA B 330 -28.00 -19.50 18.13
N GLY B 331 -29.06 -19.00 17.49
CA GLY B 331 -29.03 -18.69 16.08
C GLY B 331 -29.17 -19.91 15.20
N VAL B 332 -29.41 -19.66 13.91
CA VAL B 332 -29.50 -20.73 12.93
C VAL B 332 -28.12 -21.16 12.45
N GLU B 333 -27.24 -20.20 12.18
CA GLU B 333 -25.88 -20.49 11.77
C GLU B 333 -25.08 -20.89 13.01
N LYS B 334 -24.98 -22.21 13.24
CA LYS B 334 -24.32 -22.77 14.40
C LYS B 334 -22.96 -23.35 14.01
N ILE B 335 -21.98 -23.12 14.87
CA ILE B 335 -20.60 -23.44 14.54
C ILE B 335 -20.41 -24.96 14.45
N LEU B 336 -19.46 -25.38 13.63
CA LEU B 336 -19.06 -26.77 13.52
C LEU B 336 -17.81 -27.03 14.34
N SER B 337 -17.63 -28.28 14.72
CA SER B 337 -16.47 -28.64 15.55
C SER B 337 -15.98 -30.02 15.17
N ALA B 338 -14.69 -30.25 15.41
CA ALA B 338 -14.08 -31.56 15.26
C ALA B 338 -13.83 -32.12 16.64
N LEU B 339 -14.41 -33.30 16.91
CA LEU B 339 -14.35 -33.85 18.26
C LEU B 339 -14.02 -35.34 18.20
N GLU B 340 -13.68 -35.90 19.35
CA GLU B 340 -13.19 -37.27 19.42
C GLU B 340 -14.25 -38.26 18.96
N ILE B 341 -13.80 -39.35 18.35
CA ILE B 341 -14.72 -40.32 17.76
C ILE B 341 -15.65 -40.95 18.80
N PRO B 342 -15.17 -41.52 19.91
CA PRO B 342 -16.09 -42.22 20.82
C PRO B 342 -16.93 -41.29 21.69
N ASP B 343 -16.54 -40.03 21.84
CA ASP B 343 -17.23 -39.10 22.73
C ASP B 343 -18.32 -38.30 22.03
N VAL B 344 -18.65 -38.62 20.78
CA VAL B 344 -19.60 -37.81 20.04
C VAL B 344 -20.99 -37.91 20.64
N GLY B 345 -21.43 -39.11 21.01
CA GLY B 345 -22.72 -39.25 21.64
C GLY B 345 -23.90 -39.00 20.73
N ASN B 346 -24.62 -37.89 20.95
CA ASN B 346 -25.84 -37.61 20.21
C ASN B 346 -25.78 -36.29 19.44
N LEU B 347 -24.62 -35.66 19.35
CA LEU B 347 -24.49 -34.51 18.46
C LEU B 347 -24.64 -34.95 17.02
N SER B 348 -25.10 -34.03 16.18
CA SER B 348 -25.42 -34.35 14.80
C SER B 348 -24.16 -34.65 14.01
N GLN B 349 -24.14 -35.81 13.35
CA GLN B 349 -23.01 -36.24 12.52
C GLN B 349 -23.38 -36.43 11.06
N VAL B 350 -24.58 -36.95 10.79
CA VAL B 350 -24.93 -37.40 9.45
C VAL B 350 -24.97 -36.20 8.50
N VAL B 351 -24.29 -36.35 7.37
CA VAL B 351 -24.23 -35.31 6.33
C VAL B 351 -24.68 -35.95 5.02
N VAL B 352 -25.56 -35.26 4.31
CA VAL B 352 -26.04 -35.71 3.01
C VAL B 352 -25.22 -35.02 1.91
N MET B 353 -24.65 -35.81 1.02
CA MET B 353 -23.89 -35.28 -0.10
C MET B 353 -24.83 -34.95 -1.25
N LYS B 354 -24.70 -33.74 -1.81
CA LYS B 354 -25.53 -33.31 -2.93
C LYS B 354 -24.62 -32.88 -4.07
N SER B 355 -24.94 -33.36 -5.27
CA SER B 355 -24.19 -33.06 -6.48
C SER B 355 -25.02 -32.31 -7.51
N LYS B 356 -26.27 -32.72 -7.72
CA LYS B 356 -27.17 -32.05 -8.63
C LYS B 356 -28.34 -31.46 -7.86
N ASP B 357 -28.95 -30.43 -8.43
CA ASP B 357 -30.03 -29.71 -7.76
C ASP B 357 -31.33 -30.51 -7.85
N ASP B 358 -32.43 -29.88 -7.45
CA ASP B 358 -33.73 -30.55 -7.49
C ASP B 358 -34.15 -30.88 -8.92
N GLN B 359 -33.89 -29.95 -9.85
CA GLN B 359 -34.26 -30.16 -11.25
C GLN B 359 -33.35 -31.13 -11.96
N GLY B 360 -32.22 -31.51 -11.36
CA GLY B 360 -31.27 -32.40 -11.99
C GLY B 360 -30.11 -31.72 -12.66
N ILE B 361 -29.99 -30.40 -12.55
CA ILE B 361 -28.86 -29.68 -13.12
C ILE B 361 -27.63 -29.93 -12.25
N ARG B 362 -26.55 -30.38 -12.87
CA ARG B 362 -25.34 -30.68 -12.12
C ARG B 362 -24.70 -29.41 -11.60
N ASN B 363 -24.29 -29.44 -10.34
CA ASN B 363 -23.55 -28.35 -9.70
C ASN B 363 -22.36 -28.95 -8.96
N LYS B 364 -21.70 -28.14 -8.15
CA LYS B 364 -20.52 -28.58 -7.42
C LYS B 364 -20.94 -29.35 -6.16
N CYS B 365 -19.95 -29.86 -5.43
CA CYS B 365 -20.21 -30.65 -4.25
C CYS B 365 -20.76 -29.78 -3.13
N LYS B 366 -21.85 -30.23 -2.50
CA LYS B 366 -22.35 -29.55 -1.32
C LYS B 366 -22.70 -30.58 -0.26
N MET B 367 -22.64 -30.14 1.00
CA MET B 367 -22.89 -30.98 2.16
C MET B 367 -24.05 -30.38 2.95
N ASN B 368 -25.04 -31.22 3.26
CA ASN B 368 -26.23 -30.80 4.01
C ASN B 368 -26.25 -31.57 5.33
N LEU B 369 -25.93 -30.90 6.42
CA LEU B 369 -25.94 -31.54 7.73
C LEU B 369 -27.38 -31.74 8.19
N GLN B 370 -27.65 -32.95 8.70
CA GLN B 370 -28.94 -33.30 9.27
C GLN B 370 -28.71 -34.07 10.56
N ASP B 371 -29.74 -34.06 11.42
CA ASP B 371 -29.63 -34.68 12.73
C ASP B 371 -30.01 -36.16 12.63
N ASN B 372 -30.17 -36.81 13.79
CA ASN B 372 -30.55 -38.22 13.82
C ASN B 372 -32.01 -38.45 13.51
N ASN B 373 -32.84 -37.41 13.59
CA ASN B 373 -34.27 -37.52 13.32
C ASN B 373 -34.62 -37.21 11.86
N GLY B 374 -33.61 -36.97 11.02
CA GLY B 374 -33.89 -36.63 9.64
C GLY B 374 -34.29 -35.20 9.40
N ASN B 375 -34.06 -34.32 10.36
CA ASN B 375 -34.36 -32.90 10.23
C ASN B 375 -33.12 -32.17 9.74
N ASP B 376 -33.27 -31.41 8.65
CA ASP B 376 -32.13 -30.75 8.03
C ASP B 376 -31.59 -29.63 8.93
N ILE B 377 -30.39 -29.80 9.46
CA ILE B 377 -29.78 -28.67 10.14
C ILE B 377 -29.44 -27.60 9.11
N GLY B 378 -29.04 -28.00 7.92
CA GLY B 378 -28.86 -27.10 6.80
C GLY B 378 -27.55 -27.33 6.09
N PHE B 379 -27.33 -26.51 5.06
CA PHE B 379 -26.10 -26.63 4.28
C PHE B 379 -24.92 -26.14 5.10
N ILE B 380 -23.75 -26.73 4.83
CA ILE B 380 -22.51 -26.35 5.49
C ILE B 380 -21.86 -25.25 4.68
N GLY B 381 -21.49 -24.16 5.34
CA GLY B 381 -20.80 -23.06 4.68
C GLY B 381 -19.98 -22.35 5.71
N PHE B 382 -19.64 -21.09 5.43
CA PHE B 382 -18.85 -20.28 6.34
C PHE B 382 -19.54 -18.94 6.57
N HIS B 383 -19.40 -18.43 7.79
CA HIS B 383 -19.94 -17.13 8.15
C HIS B 383 -18.89 -16.36 8.95
N LEU B 384 -18.92 -15.04 8.84
CA LEU B 384 -17.90 -14.20 9.46
C LEU B 384 -18.37 -13.75 10.84
N TYR B 385 -17.67 -14.20 11.88
CA TYR B 385 -17.87 -13.74 13.24
C TYR B 385 -16.60 -13.01 13.68
N ASP B 386 -16.75 -11.72 14.00
CA ASP B 386 -15.67 -10.83 14.45
C ASP B 386 -14.35 -11.12 13.72
N ASN B 387 -14.42 -10.98 12.40
CA ASN B 387 -13.25 -11.10 11.50
C ASN B 387 -12.63 -12.50 11.54
N ILE B 388 -13.45 -13.53 11.73
CA ILE B 388 -13.05 -14.91 11.63
C ILE B 388 -14.09 -15.65 10.81
N ALA B 389 -13.65 -16.29 9.73
CA ALA B 389 -14.57 -17.03 8.86
C ALA B 389 -14.75 -18.42 9.44
N LYS B 390 -15.80 -18.58 10.23
CA LYS B 390 -16.06 -19.81 10.98
C LYS B 390 -17.03 -20.70 10.20
N LEU B 391 -16.75 -21.99 10.18
CA LEU B 391 -17.58 -22.94 9.47
C LEU B 391 -18.85 -23.23 10.26
N VAL B 392 -20.00 -23.07 9.62
CA VAL B 392 -21.30 -23.20 10.27
C VAL B 392 -22.27 -23.93 9.37
N ALA B 393 -23.22 -24.64 9.97
CA ALA B 393 -24.30 -25.30 9.26
C ALA B 393 -25.58 -24.48 9.44
N SER B 394 -26.14 -23.99 8.33
CA SER B 394 -27.25 -23.05 8.41
C SER B 394 -28.32 -23.41 7.38
N ASN B 395 -29.56 -23.02 7.68
CA ASN B 395 -30.70 -23.19 6.81
C ASN B 395 -30.83 -22.02 5.82
N TRP B 396 -29.98 -21.02 5.94
CA TRP B 396 -30.04 -19.85 5.06
C TRP B 396 -29.79 -20.25 3.61
N TYR B 397 -28.82 -21.15 3.37
CA TYR B 397 -28.54 -21.58 2.00
C TYR B 397 -29.74 -22.30 1.39
N ASN B 398 -30.43 -23.12 2.19
CA ASN B 398 -31.62 -23.80 1.68
C ASN B 398 -32.73 -22.80 1.38
N ARG B 399 -32.88 -21.77 2.21
CA ARG B 399 -33.87 -20.73 1.93
C ARG B 399 -33.55 -20.01 0.63
N GLN B 400 -32.26 -19.70 0.41
CA GLN B 400 -31.86 -19.06 -0.84
C GLN B 400 -32.11 -19.96 -2.04
N VAL B 401 -31.83 -21.26 -1.89
CA VAL B 401 -32.08 -22.21 -2.97
C VAL B 401 -33.57 -22.26 -3.30
N GLY B 402 -34.41 -22.24 -2.28
CA GLY B 402 -35.85 -22.22 -2.51
C GLY B 402 -36.32 -20.98 -3.25
N LYS B 403 -35.68 -19.84 -2.98
CA LYS B 403 -36.02 -18.58 -3.64
C LYS B 403 -35.23 -18.36 -4.92
N ALA B 404 -34.46 -19.35 -5.36
CA ALA B 404 -33.63 -19.26 -6.57
C ALA B 404 -32.65 -18.11 -6.50
N SER B 405 -32.17 -17.80 -5.29
CA SER B 405 -31.18 -16.76 -5.10
C SER B 405 -29.77 -17.35 -5.16
N ARG B 406 -28.78 -16.46 -5.18
CA ARG B 406 -27.39 -16.88 -5.24
C ARG B 406 -26.89 -17.21 -3.84
N THR B 407 -26.61 -18.49 -3.60
CA THR B 407 -26.01 -18.89 -2.34
C THR B 407 -24.54 -18.47 -2.30
N PHE B 408 -24.05 -18.27 -1.07
CA PHE B 408 -22.71 -17.73 -0.84
C PHE B 408 -21.96 -18.67 0.10
N GLY B 409 -21.12 -19.54 -0.46
CA GLY B 409 -20.23 -20.37 0.33
C GLY B 409 -20.74 -21.77 0.63
N CYS B 410 -21.81 -22.22 -0.01
CA CYS B 410 -22.32 -23.58 0.21
C CYS B 410 -21.75 -24.57 -0.78
N SER B 411 -20.79 -24.17 -1.59
CA SER B 411 -20.18 -25.04 -2.60
C SER B 411 -18.73 -25.32 -2.23
N TRP B 412 -18.36 -26.59 -2.21
CA TRP B 412 -17.04 -27.03 -1.78
C TRP B 412 -16.39 -27.86 -2.88
N GLU B 413 -15.06 -27.97 -2.79
CA GLU B 413 -14.29 -28.79 -3.69
C GLU B 413 -13.34 -29.67 -2.89
N PHE B 414 -13.24 -30.94 -3.29
CA PHE B 414 -12.40 -31.93 -2.66
C PHE B 414 -11.17 -32.15 -3.53
N ILE B 415 -9.99 -31.93 -2.98
CA ILE B 415 -8.73 -32.00 -3.71
C ILE B 415 -7.90 -33.14 -3.13
N PRO B 416 -7.89 -34.31 -3.74
CA PRO B 416 -6.94 -35.35 -3.34
C PRO B 416 -5.57 -35.09 -3.95
N VAL B 417 -4.57 -35.76 -3.37
CA VAL B 417 -3.21 -35.64 -3.87
C VAL B 417 -3.11 -36.38 -5.20
N ASP B 418 -2.60 -35.70 -6.22
CA ASP B 418 -2.52 -36.24 -7.56
C ASP B 418 -1.12 -36.04 -8.11
N ASP B 419 -0.70 -36.98 -8.96
CA ASP B 419 0.63 -36.89 -9.57
C ASP B 419 0.68 -35.82 -10.66
N GLY B 420 -0.45 -35.54 -11.31
CA GLY B 420 -0.49 -34.51 -12.33
C GLY B 420 -0.26 -33.11 -11.82
N TRP B 421 -0.50 -32.86 -10.53
CA TRP B 421 -0.24 -31.56 -9.94
C TRP B 421 1.22 -31.42 -9.53
N GLY B 422 1.80 -32.47 -8.96
CA GLY B 422 3.22 -32.47 -8.66
C GLY B 422 3.64 -31.53 -7.55
N GLU B 423 2.74 -31.19 -6.65
CA GLU B 423 3.09 -30.31 -5.54
C GLU B 423 3.76 -31.09 -4.43
N SER B 424 4.70 -30.45 -3.76
CA SER B 424 5.36 -31.03 -2.60
C SER B 424 4.51 -30.79 -1.36
N SER B 425 4.19 -31.86 -0.64
CA SER B 425 3.37 -31.74 0.55
C SER B 425 4.24 -31.60 1.80
C1 NAG C . 9.20 -30.72 -10.81
C2 NAG C . 10.14 -31.56 -11.67
C3 NAG C . 9.33 -32.55 -12.51
C4 NAG C . 8.41 -33.39 -11.63
C5 NAG C . 7.54 -32.45 -10.78
C6 NAG C . 6.70 -33.19 -9.77
C7 NAG C . 12.28 -30.91 -12.68
C8 NAG C . 12.97 -29.95 -13.61
N2 NAG C . 10.97 -30.73 -12.53
O3 NAG C . 10.23 -33.41 -13.23
O4 NAG C . 7.61 -34.22 -12.45
O5 NAG C . 8.38 -31.56 -10.03
O6 NAG C . 7.50 -33.82 -8.78
O7 NAG C . 12.89 -31.80 -12.11
C1 NAG C . 7.64 -35.58 -11.94
C2 NAG C . 7.15 -36.54 -13.02
C3 NAG C . 7.18 -37.98 -12.49
C4 NAG C . 8.57 -38.31 -11.97
C5 NAG C . 9.03 -37.27 -10.95
C6 NAG C . 10.46 -37.48 -10.49
C7 NAG C . 5.54 -35.62 -14.64
C8 NAG C . 4.10 -35.34 -14.93
N2 NAG C . 5.81 -36.21 -13.46
O3 NAG C . 6.80 -38.88 -13.51
O4 NAG C . 8.57 -39.60 -11.37
O5 NAG C . 8.97 -35.96 -11.52
O6 NAG C . 10.53 -37.72 -9.11
O7 NAG C . 6.43 -35.32 -15.42
C1 FUC C . 6.97 -33.52 -7.48
C2 FUC C . 7.49 -34.58 -6.48
C3 FUC C . 8.99 -34.41 -6.26
C4 FUC C . 9.30 -32.98 -5.80
C5 FUC C . 8.75 -31.98 -6.81
C6 FUC C . 8.85 -30.54 -6.33
O2 FUC C . 7.18 -35.91 -6.89
O3 FUC C . 9.43 -35.29 -5.23
O4 FUC C . 8.73 -32.76 -4.53
O5 FUC C . 7.34 -32.21 -7.08
C1 NAG D . 20.20 -21.49 16.67
C2 NAG D . 19.16 -20.38 16.85
C3 NAG D . 18.45 -20.55 18.19
C4 NAG D . 17.90 -21.97 18.33
C5 NAG D . 18.96 -23.02 18.00
C6 NAG D . 18.41 -24.42 17.95
C7 NAG D . 19.09 -17.95 16.51
C8 NAG D . 19.89 -16.69 16.45
N2 NAG D . 19.78 -19.06 16.75
O3 NAG D . 17.39 -19.60 18.30
O4 NAG D . 17.45 -22.17 19.66
O5 NAG D . 19.55 -22.76 16.72
O6 NAG D . 18.32 -24.90 16.61
O7 NAG D . 17.87 -17.95 16.36
C1 NAG E . 25.13 -14.88 -13.58
C2 NAG E . 24.97 -16.34 -14.03
C3 NAG E . 25.74 -16.57 -15.32
C4 NAG E . 25.33 -15.56 -16.38
C5 NAG E . 25.44 -14.14 -15.83
C6 NAG E . 24.91 -13.10 -16.79
C7 NAG E . 24.90 -18.48 -12.83
C8 NAG E . 25.48 -19.29 -11.71
N2 NAG E . 25.42 -17.25 -12.98
O3 NAG E . 25.51 -17.90 -15.78
O4 NAG E . 26.17 -15.69 -17.53
O5 NAG E . 24.68 -14.02 -14.63
O6 NAG E . 24.61 -11.88 -16.11
O7 NAG E . 24.03 -18.92 -13.57
C10 VLX F . 17.74 30.11 11.91
C7 VLX F . 16.68 31.16 11.55
C5 VLX F . 11.34 32.30 11.71
C4 VLX F . 15.82 30.64 10.39
C3 VLX F . 13.58 29.92 9.71
C2 VLX F . 13.80 31.33 11.72
C1 VLX F . 14.43 30.20 10.89
C6 VLX F . 12.27 30.61 9.94
C11 VLX F . 10.33 32.69 13.96
C8 VLX F . 11.64 32.64 13.17
C9 VLX F . 11.25 33.58 10.90
N1 VLX F . 12.40 31.48 11.17
N2 VLX F . 10.11 33.82 10.04
O1 VLX F . 11.30 30.50 9.28
O2 VLX F . 12.11 34.38 10.97
#